data_4UTG
#
_entry.id   4UTG
#
_cell.length_a   101.440
_cell.length_b   115.020
_cell.length_c   166.780
_cell.angle_alpha   90.00
_cell.angle_beta   90.00
_cell.angle_gamma   90.00
#
_symmetry.space_group_name_H-M   'C 2 2 21'
#
loop_
_entity.id
_entity.type
_entity.pdbx_description
1 polymer 'SUGAR KINASE'
2 non-polymer 'PHOSPHOAMINOPHOSPHONIC ACID-ADENYLATE ESTER'
3 non-polymer 'MAGNESIUM ION'
4 non-polymer 'CHLORIDE ION'
5 non-polymer 1,2-ETHANEDIOL
6 water water
#
_entity_poly.entity_id   1
_entity_poly.type   'polypeptide(L)'
_entity_poly.pdbx_seq_one_letter_code
;MNPTIIRARAPLRLGLAGGGTDVAPYADTFGGYVLNATIDRYAYAVIKTLTIPAVRFVSTDQQVEKHQLISEPLELNGTL
NLHKAVYNHMIRNYNHGKPIALELSTFCDAPAGSGLGSSSTLVVVMIKAFVELLNLPLDDYAIAQLAYRIERVDCGLAGG
RQDQYSATFGGFNFMEFYAAARTIVNPLRIKNWVLCELEASLVLFYTGVSRESAKIIQDQSDNVVSHKTAAIEAMHGIKR
EALVMKEALLKGDFKAFVASMRLGWDNKKNSARTVSNAHIDEIYDAAIRAGAQAGKVSGAGGGGFMLFFVPTEKRMDLIR
TLGEYDGQVSNCHFTKNGTQAWRIAN
;
_entity_poly.pdbx_strand_id   A,B
#
# COMPACT_ATOMS: atom_id res chain seq x y z
N ASN A 2 -14.65 -10.61 -34.06
CA ASN A 2 -13.53 -10.43 -33.09
C ASN A 2 -13.97 -10.52 -31.62
N PRO A 3 -14.26 -11.74 -31.13
CA PRO A 3 -14.61 -11.83 -29.70
C PRO A 3 -13.42 -11.52 -28.80
N THR A 4 -13.71 -10.89 -27.66
CA THR A 4 -12.71 -10.55 -26.67
C THR A 4 -12.81 -11.53 -25.53
N ILE A 5 -11.66 -12.04 -25.06
CA ILE A 5 -11.60 -12.94 -23.90
C ILE A 5 -10.59 -12.42 -22.88
N ILE A 6 -11.08 -12.14 -21.67
CA ILE A 6 -10.29 -11.61 -20.57
CA ILE A 6 -10.27 -11.62 -20.58
C ILE A 6 -10.40 -12.58 -19.41
N ARG A 7 -9.31 -12.78 -18.68
CA ARG A 7 -9.36 -13.54 -17.44
C ARG A 7 -8.77 -12.68 -16.35
N ALA A 8 -9.21 -12.87 -15.12
CA ALA A 8 -8.59 -12.22 -13.98
C ALA A 8 -8.48 -13.24 -12.87
N ARG A 9 -7.53 -13.03 -11.97
CA ARG A 9 -7.41 -13.88 -10.81
C ARG A 9 -7.10 -13.00 -9.61
N ALA A 10 -7.42 -13.51 -8.43
CA ALA A 10 -7.11 -12.81 -7.19
C ALA A 10 -6.85 -13.90 -6.17
N PRO A 11 -5.79 -13.73 -5.35
CA PRO A 11 -5.43 -14.74 -4.38
C PRO A 11 -6.40 -14.76 -3.20
N LEU A 12 -6.66 -15.96 -2.70
CA LEU A 12 -7.40 -16.22 -1.46
C LEU A 12 -6.48 -15.90 -0.26
N ARG A 13 -7.02 -15.96 0.96
CA ARG A 13 -6.28 -15.42 2.10
C ARG A 13 -6.41 -16.26 3.34
N LEU A 14 -5.32 -16.25 4.12
CA LEU A 14 -5.33 -16.81 5.44
CA LEU A 14 -5.30 -16.82 5.43
C LEU A 14 -5.61 -15.69 6.41
N GLY A 15 -6.57 -15.91 7.30
CA GLY A 15 -6.86 -14.92 8.35
C GLY A 15 -5.84 -15.22 9.46
N LEU A 16 -4.96 -14.29 9.75
CA LEU A 16 -3.94 -14.56 10.78
C LEU A 16 -4.37 -14.10 12.17
N ALA A 17 -5.03 -12.95 12.24
CA ALA A 17 -5.49 -12.43 13.52
C ALA A 17 -6.54 -11.37 13.28
N GLY A 18 -7.41 -11.17 14.27
CA GLY A 18 -8.29 -10.00 14.24
C GLY A 18 -9.67 -10.24 13.66
N GLY A 19 -9.86 -11.37 12.96
CA GLY A 19 -11.15 -11.68 12.31
C GLY A 19 -12.26 -11.65 13.35
N GLY A 20 -13.38 -11.03 13.02
CA GLY A 20 -14.44 -10.82 14.01
C GLY A 20 -14.54 -9.36 14.38
N THR A 21 -13.40 -8.66 14.46
CA THR A 21 -13.42 -7.21 14.79
C THR A 21 -13.82 -6.39 13.57
N ASP A 22 -13.88 -7.05 12.43
CA ASP A 22 -14.32 -6.39 11.18
C ASP A 22 -15.85 -6.52 10.95
N VAL A 23 -16.58 -7.18 11.86
CA VAL A 23 -18.05 -7.24 11.76
CA VAL A 23 -18.04 -7.26 11.78
C VAL A 23 -18.64 -5.86 12.06
N ALA A 24 -19.67 -5.51 11.29
CA ALA A 24 -20.17 -4.13 11.21
C ALA A 24 -20.36 -3.38 12.53
N PRO A 25 -21.07 -4.00 13.50
CA PRO A 25 -21.25 -3.20 14.73
C PRO A 25 -19.94 -2.99 15.49
N TYR A 26 -19.07 -3.99 15.52
CA TYR A 26 -17.81 -3.84 16.25
C TYR A 26 -16.89 -2.80 15.60
N ALA A 27 -16.62 -2.98 14.30
CA ALA A 27 -15.74 -2.05 13.56
C ALA A 27 -16.22 -0.61 13.67
N ASP A 28 -17.53 -0.41 13.51
CA ASP A 28 -18.12 0.92 13.57
C ASP A 28 -18.05 1.56 14.96
N THR A 29 -18.04 0.73 16.00
CA THR A 29 -18.09 1.23 17.37
C THR A 29 -16.72 1.43 18.00
N PHE A 30 -15.83 0.46 17.85
CA PHE A 30 -14.54 0.46 18.55
C PHE A 30 -13.36 0.57 17.59
N GLY A 31 -13.61 0.32 16.31
CA GLY A 31 -12.53 0.17 15.32
C GLY A 31 -12.01 -1.26 15.32
N GLY A 32 -11.92 -1.85 14.13
CA GLY A 32 -11.40 -3.22 14.05
C GLY A 32 -9.97 -3.27 13.51
N TYR A 33 -9.27 -4.36 13.81
CA TYR A 33 -7.95 -4.65 13.22
C TYR A 33 -7.95 -6.07 12.69
N VAL A 34 -7.43 -6.28 11.49
CA VAL A 34 -7.22 -7.64 10.98
CA VAL A 34 -7.17 -7.65 11.05
C VAL A 34 -5.83 -7.74 10.36
N LEU A 35 -5.12 -8.82 10.66
CA LEU A 35 -3.87 -9.16 10.01
C LEU A 35 -4.18 -10.36 9.12
N ASN A 36 -3.94 -10.22 7.83
CA ASN A 36 -4.10 -11.38 6.96
C ASN A 36 -3.03 -11.41 5.88
N ALA A 37 -2.98 -12.51 5.13
CA ALA A 37 -1.95 -12.72 4.13
C ALA A 37 -2.49 -13.62 3.03
N THR A 38 -2.16 -13.28 1.79
CA THR A 38 -2.67 -14.03 0.67
C THR A 38 -1.83 -15.27 0.40
N ILE A 39 -2.51 -16.31 -0.04
CA ILE A 39 -1.84 -17.56 -0.36
C ILE A 39 -1.90 -17.93 -1.86
N ASP A 40 -1.31 -19.10 -2.16
CA ASP A 40 -1.12 -19.56 -3.54
CA ASP A 40 -1.13 -19.72 -3.45
C ASP A 40 -2.38 -20.24 -4.14
N ARG A 41 -3.57 -19.84 -3.69
CA ARG A 41 -4.82 -20.37 -4.23
CA ARG A 41 -4.83 -20.37 -4.20
C ARG A 41 -5.66 -19.19 -4.68
N TYR A 42 -6.36 -19.37 -5.79
CA TYR A 42 -7.03 -18.24 -6.50
C TYR A 42 -8.52 -18.36 -6.78
N ALA A 43 -9.19 -17.21 -6.81
CA ALA A 43 -10.50 -17.09 -7.43
C ALA A 43 -10.28 -16.56 -8.84
N TYR A 44 -11.13 -16.95 -9.78
CA TYR A 44 -10.99 -16.49 -11.15
C TYR A 44 -12.30 -15.96 -11.72
N ALA A 45 -12.17 -15.01 -12.64
CA ALA A 45 -13.31 -14.59 -13.47
C ALA A 45 -12.89 -14.52 -14.93
N VAL A 46 -13.81 -14.86 -15.82
CA VAL A 46 -13.58 -14.78 -17.25
C VAL A 46 -14.71 -13.96 -17.87
N ILE A 47 -14.36 -13.06 -18.78
CA ILE A 47 -15.35 -12.37 -19.59
C ILE A 47 -15.09 -12.72 -21.05
N LYS A 48 -16.13 -13.21 -21.71
CA LYS A 48 -16.09 -13.38 -23.18
C LYS A 48 -17.19 -12.55 -23.78
N THR A 49 -16.85 -11.68 -24.71
CA THR A 49 -17.90 -10.95 -25.42
C THR A 49 -18.61 -11.94 -26.35
N LEU A 50 -19.91 -11.75 -26.55
CA LEU A 50 -20.71 -12.67 -27.35
C LEU A 50 -21.07 -12.05 -28.70
N THR A 51 -21.36 -12.91 -29.67
CA THR A 51 -21.75 -12.47 -31.00
C THR A 51 -23.27 -12.54 -31.18
N ILE A 52 -23.98 -12.71 -30.07
CA ILE A 52 -25.44 -12.72 -30.03
C ILE A 52 -25.92 -11.79 -28.89
N PRO A 53 -27.11 -11.17 -29.06
CA PRO A 53 -27.66 -10.24 -28.07
C PRO A 53 -28.14 -10.90 -26.78
N ALA A 54 -27.20 -11.35 -25.94
CA ALA A 54 -27.53 -11.98 -24.68
C ALA A 54 -26.45 -11.75 -23.64
N VAL A 55 -26.80 -12.00 -22.40
CA VAL A 55 -25.85 -11.97 -21.30
CA VAL A 55 -25.85 -11.96 -21.28
C VAL A 55 -25.94 -13.34 -20.62
N ARG A 56 -24.81 -13.94 -20.33
CA ARG A 56 -24.76 -15.26 -19.69
CA ARG A 56 -24.76 -15.25 -19.68
C ARG A 56 -23.89 -15.13 -18.43
N PHE A 57 -24.35 -15.72 -17.33
CA PHE A 57 -23.57 -15.81 -16.07
C PHE A 57 -23.34 -17.27 -15.71
N VAL A 58 -22.10 -17.62 -15.34
CA VAL A 58 -21.77 -18.98 -14.92
C VAL A 58 -21.01 -18.90 -13.62
N SER A 59 -21.40 -19.71 -12.63
CA SER A 59 -20.70 -19.70 -11.34
C SER A 59 -19.78 -20.89 -11.16
N THR A 60 -19.02 -20.83 -10.07
CA THR A 60 -18.05 -21.86 -9.69
C THR A 60 -18.66 -23.24 -9.57
N ASP A 61 -19.86 -23.30 -8.95
CA ASP A 61 -20.55 -24.59 -8.81
CA ASP A 61 -20.65 -24.52 -8.77
C ASP A 61 -21.42 -24.88 -10.04
N GLN A 62 -21.08 -24.20 -11.13
CA GLN A 62 -21.67 -24.41 -12.45
CA GLN A 62 -21.69 -24.49 -12.45
C GLN A 62 -23.19 -24.10 -12.58
N GLN A 63 -23.72 -23.22 -11.70
CA GLN A 63 -25.02 -22.57 -11.98
CA GLN A 63 -25.02 -22.62 -12.00
C GLN A 63 -24.85 -21.68 -13.19
N VAL A 64 -25.92 -21.56 -14.00
CA VAL A 64 -25.90 -20.79 -15.25
C VAL A 64 -27.21 -20.03 -15.45
N GLU A 65 -27.10 -18.75 -15.77
CA GLU A 65 -28.26 -17.96 -16.13
CA GLU A 65 -28.25 -17.94 -16.11
C GLU A 65 -28.00 -17.28 -17.46
N LYS A 66 -29.03 -17.20 -18.29
CA LYS A 66 -28.92 -16.51 -19.58
CA LYS A 66 -28.94 -16.54 -19.59
C LYS A 66 -30.11 -15.56 -19.76
N HIS A 67 -29.84 -14.36 -20.23
CA HIS A 67 -30.89 -13.37 -20.39
C HIS A 67 -30.83 -12.75 -21.77
N GLN A 68 -31.97 -12.25 -22.23
CA GLN A 68 -32.01 -11.43 -23.44
CA GLN A 68 -32.05 -11.43 -23.44
C GLN A 68 -31.46 -10.04 -23.15
N LEU A 69 -30.81 -9.44 -24.13
CA LEU A 69 -30.27 -8.10 -24.00
C LEU A 69 -31.40 -7.06 -23.94
N ILE A 70 -31.72 -6.60 -22.73
CA ILE A 70 -32.71 -5.52 -22.51
C ILE A 70 -32.03 -4.33 -21.81
N SER A 71 -32.66 -3.16 -21.84
CA SER A 71 -32.05 -1.95 -21.31
CA SER A 71 -32.05 -1.95 -21.32
C SER A 71 -32.57 -1.55 -19.92
N GLU A 72 -32.79 -2.55 -19.07
CA GLU A 72 -33.14 -2.33 -17.67
CA GLU A 72 -33.17 -2.35 -17.68
C GLU A 72 -32.19 -3.16 -16.81
N PRO A 73 -31.95 -2.73 -15.54
CA PRO A 73 -31.08 -3.57 -14.69
C PRO A 73 -31.59 -4.99 -14.53
N LEU A 74 -30.69 -5.95 -14.36
CA LEU A 74 -31.09 -7.32 -14.12
C LEU A 74 -31.64 -7.36 -12.73
N GLU A 75 -32.66 -8.17 -12.53
CA GLU A 75 -33.25 -8.31 -11.22
C GLU A 75 -32.35 -9.17 -10.34
N LEU A 76 -32.19 -8.78 -9.08
CA LEU A 76 -31.44 -9.63 -8.14
C LEU A 76 -32.44 -10.59 -7.49
N ASN A 77 -32.72 -11.68 -8.22
CA ASN A 77 -33.78 -12.61 -7.85
C ASN A 77 -33.35 -13.72 -6.93
N GLY A 78 -32.08 -13.71 -6.53
CA GLY A 78 -31.59 -14.74 -5.60
C GLY A 78 -30.73 -15.79 -6.29
N THR A 79 -30.70 -15.77 -7.62
CA THR A 79 -29.80 -16.64 -8.36
C THR A 79 -28.69 -15.81 -8.99
N LEU A 80 -27.43 -16.10 -8.60
CA LEU A 80 -26.28 -15.39 -9.15
CA LEU A 80 -26.24 -15.37 -9.09
C LEU A 80 -26.38 -13.86 -8.97
N ASN A 81 -26.82 -13.41 -7.80
CA ASN A 81 -27.01 -11.98 -7.54
C ASN A 81 -25.70 -11.20 -7.68
N LEU A 82 -24.60 -11.79 -7.20
CA LEU A 82 -23.29 -11.12 -7.22
C LEU A 82 -22.81 -10.82 -8.63
N HIS A 83 -22.92 -11.82 -9.52
CA HIS A 83 -22.59 -11.65 -10.92
C HIS A 83 -23.48 -10.58 -11.54
N LYS A 84 -24.79 -10.67 -11.30
CA LYS A 84 -25.73 -9.68 -11.86
C LYS A 84 -25.47 -8.25 -11.36
N ALA A 85 -25.14 -8.15 -10.07
CA ALA A 85 -24.96 -6.82 -9.47
C ALA A 85 -23.67 -6.17 -9.96
N VAL A 86 -22.62 -6.98 -10.16
CA VAL A 86 -21.39 -6.45 -10.73
C VAL A 86 -21.69 -5.97 -12.15
N TYR A 87 -22.37 -6.83 -12.92
CA TYR A 87 -22.78 -6.47 -14.26
C TYR A 87 -23.60 -5.16 -14.28
N ASN A 88 -24.67 -5.09 -13.48
CA ASN A 88 -25.52 -3.88 -13.42
C ASN A 88 -24.70 -2.63 -13.11
N HIS A 89 -23.82 -2.73 -12.10
CA HIS A 89 -22.98 -1.58 -11.73
C HIS A 89 -22.12 -1.06 -12.86
N MET A 90 -21.39 -1.98 -13.51
CA MET A 90 -20.54 -1.62 -14.63
C MET A 90 -21.30 -1.03 -15.81
N ILE A 91 -22.44 -1.61 -16.15
CA ILE A 91 -23.25 -1.11 -17.26
CA ILE A 91 -23.24 -1.11 -17.27
C ILE A 91 -23.77 0.30 -16.98
N ARG A 92 -24.33 0.50 -15.79
CA ARG A 92 -24.90 1.78 -15.39
CA ARG A 92 -24.89 1.80 -15.46
C ARG A 92 -23.81 2.86 -15.26
N ASN A 93 -22.71 2.51 -14.58
CA ASN A 93 -21.69 3.54 -14.33
C ASN A 93 -20.68 3.80 -15.45
N TYR A 94 -20.40 2.82 -16.29
CA TYR A 94 -19.33 3.00 -17.29
C TYR A 94 -19.73 2.77 -18.72
N ASN A 95 -20.98 2.39 -18.95
CA ASN A 95 -21.38 2.18 -20.32
C ASN A 95 -22.69 2.88 -20.61
N HIS A 96 -22.94 3.95 -19.86
CA HIS A 96 -24.11 4.82 -20.04
C HIS A 96 -25.43 4.06 -20.04
N GLY A 97 -25.44 2.91 -19.39
CA GLY A 97 -26.65 2.12 -19.24
C GLY A 97 -26.98 1.22 -20.41
N LYS A 98 -26.11 1.19 -21.42
CA LYS A 98 -26.31 0.30 -22.57
CA LYS A 98 -26.34 0.30 -22.55
C LYS A 98 -25.74 -1.09 -22.28
N PRO A 99 -26.59 -2.14 -22.34
CA PRO A 99 -26.08 -3.46 -22.03
C PRO A 99 -24.98 -3.91 -22.98
N ILE A 100 -24.11 -4.78 -22.48
CA ILE A 100 -23.06 -5.40 -23.28
C ILE A 100 -23.30 -6.90 -23.32
N ALA A 101 -23.30 -7.46 -24.53
CA ALA A 101 -23.41 -8.91 -24.76
C ALA A 101 -22.13 -9.62 -24.39
N LEU A 102 -22.22 -10.43 -23.33
CA LEU A 102 -21.01 -11.06 -22.78
C LEU A 102 -21.40 -12.22 -21.90
N GLU A 103 -20.46 -13.12 -21.68
CA GLU A 103 -20.59 -14.16 -20.69
C GLU A 103 -19.58 -13.85 -19.56
N LEU A 104 -20.08 -13.80 -18.34
CA LEU A 104 -19.26 -13.62 -17.16
C LEU A 104 -19.26 -14.91 -16.39
N SER A 105 -18.08 -15.54 -16.29
CA SER A 105 -17.97 -16.79 -15.56
CA SER A 105 -17.91 -16.83 -15.62
C SER A 105 -16.93 -16.73 -14.45
N THR A 106 -17.16 -17.54 -13.43
CA THR A 106 -16.21 -17.58 -12.31
C THR A 106 -15.88 -19.03 -11.99
N PHE A 107 -14.75 -19.24 -11.32
CA PHE A 107 -14.37 -20.51 -10.73
C PHE A 107 -13.37 -20.22 -9.63
N CYS A 108 -13.15 -21.19 -8.74
CA CYS A 108 -12.37 -20.91 -7.55
C CYS A 108 -11.65 -22.16 -7.09
N ASP A 109 -10.44 -21.95 -6.55
CA ASP A 109 -9.56 -23.03 -6.07
C ASP A 109 -10.01 -23.58 -4.70
N ALA A 110 -10.97 -22.90 -4.06
CA ALA A 110 -11.58 -23.35 -2.80
C ALA A 110 -13.08 -22.95 -2.76
N PRO A 111 -13.96 -23.85 -2.34
CA PRO A 111 -15.40 -23.52 -2.29
C PRO A 111 -15.72 -22.59 -1.12
N ALA A 112 -16.84 -21.87 -1.17
CA ALA A 112 -17.28 -21.02 -0.05
C ALA A 112 -17.43 -21.84 1.24
N GLY A 113 -17.05 -21.25 2.38
CA GLY A 113 -17.03 -21.98 3.65
C GLY A 113 -15.69 -22.66 3.94
N SER A 114 -14.71 -22.45 3.06
CA SER A 114 -13.37 -23.01 3.24
CA SER A 114 -13.38 -23.04 3.25
C SER A 114 -12.51 -22.19 4.20
N GLY A 115 -12.98 -21.01 4.56
CA GLY A 115 -12.18 -20.15 5.44
C GLY A 115 -11.10 -19.35 4.75
N LEU A 116 -11.14 -19.27 3.41
CA LEU A 116 -10.12 -18.56 2.64
C LEU A 116 -10.61 -17.26 2.03
N GLY A 117 -11.80 -16.82 2.44
CA GLY A 117 -12.34 -15.58 1.90
C GLY A 117 -12.84 -15.67 0.46
N SER A 118 -13.30 -16.84 0.03
CA SER A 118 -13.62 -17.03 -1.41
CA SER A 118 -13.66 -17.05 -1.40
C SER A 118 -14.77 -16.15 -1.90
N SER A 119 -15.82 -15.96 -1.10
CA SER A 119 -16.95 -15.13 -1.57
C SER A 119 -16.57 -13.74 -2.01
N SER A 120 -15.93 -12.97 -1.14
CA SER A 120 -15.54 -11.60 -1.53
C SER A 120 -14.43 -11.58 -2.59
N THR A 121 -13.52 -12.55 -2.52
CA THR A 121 -12.44 -12.64 -3.51
C THR A 121 -13.05 -12.83 -4.88
N LEU A 122 -14.09 -13.65 -4.98
CA LEU A 122 -14.80 -13.80 -6.24
C LEU A 122 -15.42 -12.50 -6.73
N VAL A 123 -16.01 -11.70 -5.83
CA VAL A 123 -16.55 -10.40 -6.26
C VAL A 123 -15.45 -9.49 -6.82
N VAL A 124 -14.32 -9.45 -6.10
CA VAL A 124 -13.15 -8.67 -6.52
C VAL A 124 -12.68 -9.07 -7.92
N VAL A 125 -12.55 -10.37 -8.18
CA VAL A 125 -12.02 -10.79 -9.47
CA VAL A 125 -12.05 -10.80 -9.50
C VAL A 125 -13.01 -10.47 -10.62
N MET A 126 -14.32 -10.51 -10.33
CA MET A 126 -15.29 -10.12 -11.37
C MET A 126 -15.13 -8.63 -11.74
N ILE A 127 -14.96 -7.79 -10.71
CA ILE A 127 -14.76 -6.36 -10.93
C ILE A 127 -13.46 -6.16 -11.73
N LYS A 128 -12.40 -6.86 -11.33
CA LYS A 128 -11.12 -6.72 -12.03
C LYS A 128 -11.25 -7.05 -13.51
N ALA A 129 -12.03 -8.08 -13.83
CA ALA A 129 -12.23 -8.47 -15.22
C ALA A 129 -12.91 -7.34 -15.99
N PHE A 130 -13.93 -6.71 -15.42
CA PHE A 130 -14.50 -5.50 -16.05
C PHE A 130 -13.56 -4.30 -16.09
N VAL A 131 -12.72 -4.14 -15.07
CA VAL A 131 -11.68 -3.11 -15.13
C VAL A 131 -10.81 -3.29 -16.41
N GLU A 132 -10.43 -4.53 -16.71
CA GLU A 132 -9.62 -4.87 -17.90
C GLU A 132 -10.44 -4.70 -19.20
N LEU A 133 -11.66 -5.23 -19.22
CA LEU A 133 -12.53 -5.12 -20.41
C LEU A 133 -12.80 -3.67 -20.78
N LEU A 134 -13.16 -2.85 -19.79
CA LEU A 134 -13.54 -1.46 -20.05
C LEU A 134 -12.40 -0.43 -19.88
N ASN A 135 -11.22 -0.88 -19.50
CA ASN A 135 -10.07 0.02 -19.25
C ASN A 135 -10.43 1.10 -18.22
N LEU A 136 -10.81 0.67 -17.01
CA LEU A 136 -11.28 1.61 -16.00
C LEU A 136 -10.15 2.05 -15.09
N PRO A 137 -10.14 3.31 -14.65
CA PRO A 137 -9.06 3.80 -13.79
C PRO A 137 -9.33 3.50 -12.31
N LEU A 138 -9.67 2.26 -11.98
CA LEU A 138 -9.94 1.94 -10.58
C LEU A 138 -8.66 1.39 -9.98
N ASP A 139 -8.19 2.02 -8.91
CA ASP A 139 -7.02 1.52 -8.18
C ASP A 139 -7.50 0.50 -7.15
N ASP A 140 -6.55 -0.01 -6.36
CA ASP A 140 -6.85 -1.08 -5.42
C ASP A 140 -7.88 -0.72 -4.36
N TYR A 141 -7.75 0.46 -3.74
CA TYR A 141 -8.77 0.93 -2.80
C TYR A 141 -10.17 0.99 -3.44
N ALA A 142 -10.26 1.49 -4.68
CA ALA A 142 -11.56 1.64 -5.32
C ALA A 142 -12.20 0.28 -5.57
N ILE A 143 -11.42 -0.68 -6.09
CA ILE A 143 -11.93 -2.02 -6.34
C ILE A 143 -12.41 -2.65 -5.05
N ALA A 144 -11.64 -2.50 -3.96
CA ALA A 144 -12.03 -3.15 -2.70
C ALA A 144 -13.28 -2.50 -2.10
N GLN A 145 -13.39 -1.16 -2.21
CA GLN A 145 -14.59 -0.46 -1.71
CA GLN A 145 -14.57 -0.43 -1.74
C GLN A 145 -15.80 -0.78 -2.60
N LEU A 146 -15.59 -0.91 -3.91
CA LEU A 146 -16.67 -1.33 -4.83
C LEU A 146 -17.14 -2.77 -4.53
N ALA A 147 -16.19 -3.69 -4.35
CA ALA A 147 -16.59 -5.06 -4.02
C ALA A 147 -17.42 -5.10 -2.73
N TYR A 148 -16.99 -4.33 -1.72
CA TYR A 148 -17.75 -4.21 -0.48
C TYR A 148 -19.20 -3.73 -0.73
N ARG A 149 -19.34 -2.62 -1.46
CA ARG A 149 -20.66 -2.05 -1.82
CA ARG A 149 -20.66 -2.07 -1.77
C ARG A 149 -21.56 -3.08 -2.49
N ILE A 150 -21.02 -3.74 -3.53
CA ILE A 150 -21.81 -4.69 -4.30
CA ILE A 150 -21.76 -4.72 -4.32
C ILE A 150 -22.34 -5.83 -3.44
N GLU A 151 -21.49 -6.43 -2.61
CA GLU A 151 -21.85 -7.58 -1.82
C GLU A 151 -22.75 -7.22 -0.63
N ARG A 152 -22.40 -6.17 0.09
CA ARG A 152 -23.02 -5.90 1.38
C ARG A 152 -24.19 -4.94 1.27
N VAL A 153 -24.12 -4.03 0.31
CA VAL A 153 -25.22 -3.10 0.07
C VAL A 153 -26.11 -3.61 -1.07
N ASP A 154 -25.60 -3.66 -2.31
CA ASP A 154 -26.44 -4.07 -3.45
C ASP A 154 -27.11 -5.44 -3.27
N CYS A 155 -26.34 -6.43 -2.80
CA CYS A 155 -26.87 -7.78 -2.63
C CYS A 155 -27.29 -8.04 -1.19
N GLY A 156 -27.17 -7.02 -0.35
CA GLY A 156 -27.52 -7.08 1.06
C GLY A 156 -26.94 -8.24 1.86
N LEU A 157 -25.74 -8.71 1.53
CA LEU A 157 -25.14 -9.84 2.30
C LEU A 157 -24.29 -9.38 3.48
N ALA A 158 -24.65 -9.84 4.68
CA ALA A 158 -23.87 -9.53 5.89
C ALA A 158 -22.52 -10.23 5.82
N GLY A 159 -21.49 -9.59 6.36
CA GLY A 159 -20.18 -10.25 6.39
C GLY A 159 -19.12 -9.30 6.90
N GLY A 160 -17.86 -9.68 6.66
CA GLY A 160 -16.70 -8.90 7.14
C GLY A 160 -16.20 -7.90 6.13
N ARG A 161 -15.01 -7.36 6.40
CA ARG A 161 -14.44 -6.32 5.54
C ARG A 161 -13.01 -6.64 5.10
N GLN A 162 -12.45 -7.74 5.58
CA GLN A 162 -11.03 -8.00 5.34
C GLN A 162 -10.76 -8.61 3.98
N ASP A 163 -11.70 -9.40 3.48
CA ASP A 163 -11.44 -10.24 2.29
C ASP A 163 -11.32 -9.38 1.03
N GLN A 164 -12.08 -8.28 0.96
CA GLN A 164 -12.02 -7.40 -0.25
C GLN A 164 -10.61 -6.82 -0.41
N TYR A 165 -9.96 -6.54 0.71
CA TYR A 165 -8.64 -5.91 0.68
C TYR A 165 -7.50 -6.88 0.40
N SER A 166 -7.51 -8.07 1.02
CA SER A 166 -6.49 -9.08 0.69
C SER A 166 -6.52 -9.44 -0.79
N ALA A 167 -7.72 -9.63 -1.34
CA ALA A 167 -7.91 -10.07 -2.74
C ALA A 167 -7.37 -9.05 -3.75
N THR A 168 -7.57 -7.77 -3.44
CA THR A 168 -7.16 -6.67 -4.28
C THR A 168 -5.65 -6.36 -4.15
N PHE A 169 -5.18 -6.05 -2.93
CA PHE A 169 -3.81 -5.57 -2.68
C PHE A 169 -2.75 -6.69 -2.72
N GLY A 170 -3.07 -7.85 -2.16
CA GLY A 170 -2.14 -8.99 -2.06
C GLY A 170 -1.11 -8.82 -0.97
N GLY A 171 -0.43 -9.92 -0.62
CA GLY A 171 0.63 -9.90 0.40
C GLY A 171 0.11 -9.96 1.83
N PHE A 172 0.95 -9.53 2.78
CA PHE A 172 0.59 -9.41 4.17
C PHE A 172 0.11 -7.98 4.40
N ASN A 173 -1.09 -7.85 4.96
CA ASN A 173 -1.64 -6.53 5.25
C ASN A 173 -2.23 -6.48 6.64
N PHE A 174 -2.10 -5.32 7.29
CA PHE A 174 -2.76 -5.09 8.58
C PHE A 174 -3.78 -4.01 8.29
N MET A 175 -5.07 -4.34 8.49
CA MET A 175 -6.14 -3.44 8.12
CA MET A 175 -6.16 -3.44 8.13
C MET A 175 -6.79 -2.81 9.36
N GLU A 176 -7.11 -1.53 9.26
CA GLU A 176 -7.83 -0.83 10.32
C GLU A 176 -9.20 -0.45 9.78
N PHE A 177 -10.25 -0.91 10.46
CA PHE A 177 -11.61 -0.71 10.01
C PHE A 177 -12.33 0.31 10.89
N TYR A 178 -12.85 1.38 10.27
CA TYR A 178 -13.60 2.41 11.00
C TYR A 178 -15.03 2.53 10.50
N ALA A 179 -15.82 3.38 11.18
CA ALA A 179 -17.19 3.65 10.77
C ALA A 179 -17.27 4.30 9.38
N ALA A 180 -18.46 4.29 8.79
CA ALA A 180 -18.70 4.87 7.48
C ALA A 180 -17.81 4.21 6.41
N ALA A 181 -17.60 2.90 6.54
CA ALA A 181 -16.86 2.10 5.55
C ALA A 181 -15.44 2.60 5.25
N ARG A 182 -14.86 3.32 6.20
CA ARG A 182 -13.47 3.82 6.11
C ARG A 182 -12.48 2.72 6.56
N THR A 183 -11.60 2.34 5.64
CA THR A 183 -10.60 1.29 5.87
C THR A 183 -9.22 1.82 5.50
N ILE A 184 -8.24 1.56 6.36
CA ILE A 184 -6.87 1.89 6.06
C ILE A 184 -6.09 0.58 5.92
N VAL A 185 -5.47 0.41 4.74
CA VAL A 185 -4.62 -0.77 4.50
C VAL A 185 -3.16 -0.45 4.80
N ASN A 186 -2.56 -1.24 5.70
CA ASN A 186 -1.13 -1.14 6.00
C ASN A 186 -0.38 -2.33 5.44
N PRO A 187 0.25 -2.16 4.27
CA PRO A 187 1.02 -3.28 3.70
C PRO A 187 2.19 -3.53 4.60
N LEU A 188 2.46 -4.80 4.90
CA LEU A 188 3.56 -5.10 5.79
C LEU A 188 4.70 -5.66 4.96
N ARG A 189 5.82 -4.95 4.95
CA ARG A 189 6.98 -5.46 4.21
C ARG A 189 7.77 -6.26 5.21
N ILE A 190 7.54 -7.56 5.19
CA ILE A 190 8.13 -8.48 6.13
CA ILE A 190 8.14 -8.47 6.14
C ILE A 190 9.47 -8.99 5.56
N LYS A 191 10.48 -9.10 6.42
CA LYS A 191 11.79 -9.60 6.01
C LYS A 191 11.70 -10.97 5.37
N ASN A 192 12.54 -11.22 4.37
CA ASN A 192 12.52 -12.50 3.67
CA ASN A 192 12.55 -12.50 3.68
C ASN A 192 12.78 -13.67 4.62
N TRP A 193 13.72 -13.52 5.56
CA TRP A 193 14.00 -14.62 6.48
C TRP A 193 12.76 -14.96 7.32
N VAL A 194 11.99 -13.93 7.70
CA VAL A 194 10.80 -14.11 8.54
C VAL A 194 9.73 -14.89 7.78
N LEU A 195 9.54 -14.51 6.50
CA LEU A 195 8.60 -15.19 5.63
CA LEU A 195 8.61 -15.19 5.60
C LEU A 195 9.02 -16.65 5.42
N CYS A 196 10.30 -16.90 5.16
CA CYS A 196 10.74 -18.30 5.00
C CYS A 196 10.53 -19.07 6.30
N GLU A 197 10.88 -18.47 7.43
CA GLU A 197 10.72 -19.16 8.72
C GLU A 197 9.25 -19.47 9.00
N LEU A 198 8.38 -18.50 8.74
CA LEU A 198 6.94 -18.69 8.88
C LEU A 198 6.39 -19.81 8.00
N GLU A 199 6.69 -19.82 6.70
CA GLU A 199 6.22 -20.94 5.85
C GLU A 199 6.79 -22.28 6.33
N ALA A 200 8.04 -22.28 6.78
CA ALA A 200 8.63 -23.52 7.32
C ALA A 200 7.94 -24.03 8.60
N SER A 201 7.22 -23.15 9.29
CA SER A 201 6.62 -23.46 10.57
C SER A 201 5.10 -23.56 10.51
N LEU A 202 4.50 -23.37 9.34
CA LEU A 202 3.03 -23.45 9.22
C LEU A 202 2.57 -24.72 8.52
N VAL A 203 1.56 -25.36 9.08
CA VAL A 203 0.88 -26.47 8.41
C VAL A 203 -0.61 -26.16 8.31
N LEU A 204 -1.18 -26.33 7.12
CA LEU A 204 -2.62 -26.12 6.91
C LEU A 204 -3.36 -27.43 6.95
N PHE A 205 -4.60 -27.39 7.43
CA PHE A 205 -5.40 -28.59 7.53
C PHE A 205 -6.84 -28.29 7.17
N TYR A 206 -7.31 -28.86 6.06
CA TYR A 206 -8.66 -28.56 5.59
C TYR A 206 -9.63 -29.52 6.25
N THR A 207 -10.52 -28.97 7.08
CA THR A 207 -11.45 -29.81 7.83
C THR A 207 -12.78 -30.07 7.13
N GLY A 208 -13.01 -29.48 5.95
CA GLY A 208 -14.33 -29.52 5.32
C GLY A 208 -15.00 -28.15 5.33
N VAL A 209 -16.12 -28.03 4.61
CA VAL A 209 -16.86 -26.77 4.47
CA VAL A 209 -16.79 -26.73 4.51
C VAL A 209 -17.51 -26.35 5.82
N SER A 210 -17.28 -25.13 6.26
CA SER A 210 -18.01 -24.64 7.42
C SER A 210 -19.38 -24.20 6.96
N ARG A 211 -20.36 -24.51 7.80
CA ARG A 211 -21.68 -23.96 7.56
CA ARG A 211 -21.74 -24.09 7.64
C ARG A 211 -22.09 -23.04 8.70
N GLU A 212 -21.08 -22.57 9.44
CA GLU A 212 -21.30 -21.67 10.58
C GLU A 212 -21.05 -20.18 10.38
N SER A 213 -20.46 -19.79 9.26
CA SER A 213 -19.98 -18.41 9.09
CA SER A 213 -19.98 -18.40 9.10
C SER A 213 -21.06 -17.36 9.38
N ALA A 214 -22.20 -17.48 8.70
CA ALA A 214 -23.31 -16.53 8.85
C ALA A 214 -23.77 -16.40 10.31
N LYS A 215 -23.88 -17.55 10.97
CA LYS A 215 -24.27 -17.64 12.38
C LYS A 215 -23.23 -16.96 13.29
N ILE A 216 -21.95 -17.22 13.03
CA ILE A 216 -20.85 -16.61 13.81
C ILE A 216 -20.86 -15.09 13.67
N ILE A 217 -21.01 -14.63 12.43
CA ILE A 217 -20.99 -13.20 12.15
C ILE A 217 -22.21 -12.56 12.83
N GLN A 218 -23.38 -13.20 12.70
CA GLN A 218 -24.59 -12.73 13.41
C GLN A 218 -24.39 -12.66 14.92
N ASP A 219 -23.77 -13.70 15.50
CA ASP A 219 -23.53 -13.71 16.95
C ASP A 219 -22.53 -12.65 17.39
N GLN A 220 -21.46 -12.48 16.63
CA GLN A 220 -20.49 -11.42 16.90
C GLN A 220 -21.11 -10.03 16.82
N SER A 221 -21.99 -9.84 15.82
CA SER A 221 -22.71 -8.57 15.66
CA SER A 221 -22.72 -8.59 15.65
C SER A 221 -23.65 -8.35 16.85
N ASP A 222 -24.38 -9.41 17.22
CA ASP A 222 -25.29 -9.38 18.39
CA ASP A 222 -25.28 -9.32 18.37
C ASP A 222 -24.55 -9.04 19.69
N ASN A 223 -23.32 -9.55 19.84
CA ASN A 223 -22.52 -9.26 21.05
C ASN A 223 -22.48 -7.79 21.36
N VAL A 224 -22.16 -7.02 20.33
CA VAL A 224 -22.05 -5.58 20.41
C VAL A 224 -23.44 -4.92 20.55
N VAL A 225 -24.36 -5.24 19.66
CA VAL A 225 -25.70 -4.64 19.68
C VAL A 225 -26.44 -4.88 21.03
N SER A 226 -26.35 -6.10 21.56
CA SER A 226 -27.04 -6.46 22.81
CA SER A 226 -27.06 -6.45 22.81
C SER A 226 -26.19 -6.34 24.06
N HIS A 227 -25.01 -5.75 23.94
CA HIS A 227 -24.14 -5.48 25.12
C HIS A 227 -23.80 -6.72 25.97
N LYS A 228 -23.37 -7.79 25.30
CA LYS A 228 -22.94 -8.99 25.99
C LYS A 228 -21.50 -8.75 26.44
N THR A 229 -21.35 -8.35 27.69
CA THR A 229 -20.09 -7.83 28.21
C THR A 229 -18.89 -8.75 28.02
N ALA A 230 -19.00 -10.00 28.47
CA ALA A 230 -17.89 -10.93 28.37
C ALA A 230 -17.52 -11.19 26.92
N ALA A 231 -18.53 -11.38 26.08
CA ALA A 231 -18.30 -11.67 24.67
C ALA A 231 -17.71 -10.46 23.94
N ILE A 232 -18.09 -9.25 24.36
CA ILE A 232 -17.47 -8.03 23.81
C ILE A 232 -16.01 -7.92 24.21
N GLU A 233 -15.72 -8.29 25.47
CA GLU A 233 -14.35 -8.29 25.99
C GLU A 233 -13.47 -9.34 25.25
N ALA A 234 -14.06 -10.45 24.85
CA ALA A 234 -13.34 -11.45 24.03
C ALA A 234 -12.92 -10.81 22.71
N MET A 235 -13.85 -10.03 22.13
CA MET A 235 -13.59 -9.31 20.89
C MET A 235 -12.51 -8.25 21.02
N HIS A 236 -12.51 -7.50 22.15
CA HIS A 236 -11.41 -6.57 22.43
C HIS A 236 -10.06 -7.30 22.48
N GLY A 237 -10.08 -8.53 22.98
CA GLY A 237 -8.90 -9.41 23.01
C GLY A 237 -8.46 -9.83 21.60
N ILE A 238 -9.42 -10.19 20.76
CA ILE A 238 -9.16 -10.46 19.35
C ILE A 238 -8.41 -9.27 18.73
N LYS A 239 -8.95 -8.07 18.95
CA LYS A 239 -8.36 -6.85 18.41
C LYS A 239 -6.93 -6.62 18.92
N ARG A 240 -6.75 -6.76 20.24
CA ARG A 240 -5.46 -6.53 20.86
CA ARG A 240 -5.46 -6.58 20.90
C ARG A 240 -4.39 -7.49 20.31
N GLU A 241 -4.72 -8.76 20.20
CA GLU A 241 -3.77 -9.78 19.74
C GLU A 241 -3.41 -9.64 18.28
N ALA A 242 -4.28 -9.05 17.47
CA ALA A 242 -3.93 -8.76 16.08
C ALA A 242 -2.78 -7.75 15.99
N LEU A 243 -2.82 -6.72 16.83
CA LEU A 243 -1.74 -5.75 16.88
C LEU A 243 -0.45 -6.37 17.40
N VAL A 244 -0.55 -7.18 18.46
CA VAL A 244 0.60 -7.88 18.98
C VAL A 244 1.24 -8.74 17.88
N MET A 245 0.41 -9.48 17.14
CA MET A 245 0.92 -10.38 16.07
C MET A 245 1.63 -9.57 14.97
N LYS A 246 1.03 -8.43 14.60
CA LYS A 246 1.59 -7.56 13.58
C LYS A 246 3.00 -7.12 13.99
N GLU A 247 3.13 -6.64 15.22
CA GLU A 247 4.43 -6.22 15.71
CA GLU A 247 4.42 -6.23 15.77
C GLU A 247 5.40 -7.40 15.78
N ALA A 248 4.90 -8.60 16.17
CA ALA A 248 5.79 -9.78 16.25
C ALA A 248 6.38 -10.16 14.89
N LEU A 249 5.55 -10.09 13.83
CA LEU A 249 6.02 -10.33 12.45
C LEU A 249 7.03 -9.27 11.98
N LEU A 250 6.78 -8.02 12.31
CA LEU A 250 7.74 -6.97 11.99
C LEU A 250 9.09 -7.11 12.71
N LYS A 251 9.08 -7.66 13.93
CA LYS A 251 10.31 -7.80 14.70
C LYS A 251 10.95 -9.17 14.51
N GLY A 252 10.29 -10.05 13.76
CA GLY A 252 10.71 -11.44 13.67
C GLY A 252 10.76 -12.16 15.02
N ASP A 253 9.76 -11.92 15.84
CA ASP A 253 9.70 -12.47 17.19
C ASP A 253 8.69 -13.59 17.21
N PHE A 254 9.15 -14.81 16.94
CA PHE A 254 8.23 -15.94 16.78
C PHE A 254 7.61 -16.43 18.09
N LYS A 255 8.32 -16.22 19.20
CA LYS A 255 7.74 -16.51 20.51
CA LYS A 255 7.76 -16.49 20.52
C LYS A 255 6.50 -15.63 20.79
N ALA A 256 6.59 -14.34 20.47
CA ALA A 256 5.41 -13.46 20.64
C ALA A 256 4.33 -13.81 19.64
N PHE A 257 4.74 -14.29 18.47
CA PHE A 257 3.80 -14.62 17.42
C PHE A 257 2.92 -15.76 17.88
N VAL A 258 3.55 -16.84 18.35
CA VAL A 258 2.77 -17.99 18.83
CA VAL A 258 2.85 -18.01 18.89
C VAL A 258 1.93 -17.64 20.08
N ALA A 259 2.48 -16.88 21.03
CA ALA A 259 1.66 -16.49 22.20
C ALA A 259 0.41 -15.67 21.80
N SER A 260 0.55 -14.76 20.84
CA SER A 260 -0.62 -13.98 20.39
C SER A 260 -1.63 -14.82 19.62
N MET A 261 -1.16 -15.83 18.87
CA MET A 261 -2.09 -16.76 18.23
C MET A 261 -2.90 -17.60 19.25
N ARG A 262 -2.25 -18.05 20.31
CA ARG A 262 -2.95 -18.84 21.33
C ARG A 262 -4.02 -17.98 22.01
N LEU A 263 -3.65 -16.77 22.38
CA LEU A 263 -4.60 -15.89 23.06
CA LEU A 263 -4.59 -15.88 23.07
C LEU A 263 -5.73 -15.48 22.13
N GLY A 264 -5.36 -15.25 20.86
CA GLY A 264 -6.31 -14.91 19.81
C GLY A 264 -7.32 -16.02 19.59
N TRP A 265 -6.86 -17.28 19.55
CA TRP A 265 -7.75 -18.41 19.33
C TRP A 265 -8.73 -18.54 20.51
N ASP A 266 -8.23 -18.42 21.73
CA ASP A 266 -9.12 -18.44 22.91
C ASP A 266 -10.19 -17.36 22.86
N ASN A 267 -9.77 -16.14 22.55
CA ASN A 267 -10.65 -14.99 22.37
C ASN A 267 -11.66 -15.18 21.26
N LYS A 268 -11.20 -15.70 20.12
CA LYS A 268 -12.11 -15.97 19.02
C LYS A 268 -13.19 -17.00 19.40
N LYS A 269 -12.80 -18.10 20.04
CA LYS A 269 -13.77 -19.12 20.48
C LYS A 269 -14.80 -18.53 21.45
N ASN A 270 -14.36 -17.63 22.32
CA ASN A 270 -15.27 -17.01 23.30
C ASN A 270 -16.17 -15.94 22.73
N SER A 271 -15.91 -15.50 21.49
CA SER A 271 -16.70 -14.44 20.89
C SER A 271 -18.00 -14.95 20.29
N ALA A 272 -18.06 -16.26 20.02
CA ALA A 272 -19.25 -16.85 19.36
C ALA A 272 -19.26 -18.34 19.57
N ARG A 273 -20.44 -18.88 19.85
CA ARG A 273 -20.51 -20.26 20.32
CA ARG A 273 -20.65 -20.27 20.28
C ARG A 273 -20.08 -21.29 19.29
N THR A 274 -20.29 -21.03 18.01
CA THR A 274 -19.94 -22.05 17.01
C THR A 274 -18.62 -21.85 16.23
N VAL A 275 -17.74 -20.99 16.75
CA VAL A 275 -16.42 -20.77 16.13
C VAL A 275 -15.66 -22.10 16.12
N SER A 276 -15.67 -22.77 17.27
CA SER A 276 -15.13 -24.10 17.37
C SER A 276 -16.25 -25.07 17.79
N ASN A 277 -15.97 -26.36 17.71
CA ASN A 277 -16.88 -27.40 18.21
C ASN A 277 -16.02 -28.58 18.67
N ALA A 278 -16.64 -29.72 18.99
CA ALA A 278 -15.89 -30.83 19.60
C ALA A 278 -14.93 -31.43 18.58
N HIS A 279 -15.35 -31.45 17.33
CA HIS A 279 -14.58 -32.04 16.25
C HIS A 279 -13.33 -31.19 15.97
N ILE A 280 -13.51 -29.87 15.95
CA ILE A 280 -12.38 -28.96 15.72
CA ILE A 280 -12.40 -28.94 15.74
C ILE A 280 -11.43 -29.01 16.92
N ASP A 281 -11.98 -29.03 18.14
CA ASP A 281 -11.13 -29.10 19.35
C ASP A 281 -10.34 -30.39 19.43
N GLU A 282 -10.89 -31.48 18.90
CA GLU A 282 -10.17 -32.75 18.92
C GLU A 282 -8.94 -32.65 18.03
N ILE A 283 -9.10 -32.06 16.86
CA ILE A 283 -7.98 -31.89 15.93
C ILE A 283 -6.93 -30.99 16.56
N TYR A 284 -7.40 -29.88 17.14
CA TYR A 284 -6.53 -28.91 17.74
C TYR A 284 -5.71 -29.58 18.82
N ASP A 285 -6.36 -30.38 19.67
CA ASP A 285 -5.66 -31.02 20.78
C ASP A 285 -4.63 -32.03 20.26
N ALA A 286 -5.02 -32.82 19.27
CA ALA A 286 -4.11 -33.77 18.62
C ALA A 286 -2.89 -33.03 18.07
N ALA A 287 -3.12 -31.85 17.48
CA ALA A 287 -2.03 -31.11 16.85
C ALA A 287 -1.05 -30.62 17.91
N ILE A 288 -1.59 -30.07 19.00
CA ILE A 288 -0.78 -29.66 20.14
C ILE A 288 0.06 -30.81 20.73
N ARG A 289 -0.53 -31.96 20.99
CA ARG A 289 0.31 -33.00 21.57
CA ARG A 289 0.24 -33.09 21.53
C ARG A 289 1.30 -33.58 20.56
N ALA A 290 1.03 -33.40 19.25
CA ALA A 290 2.01 -33.82 18.25
C ALA A 290 3.18 -32.83 18.15
N GLY A 291 3.02 -31.65 18.75
CA GLY A 291 4.08 -30.62 18.81
C GLY A 291 3.75 -29.21 18.30
N ALA A 292 2.57 -29.00 17.69
CA ALA A 292 2.15 -27.64 17.35
C ALA A 292 2.18 -26.76 18.59
N GLN A 293 2.48 -25.48 18.41
CA GLN A 293 2.58 -24.55 19.52
C GLN A 293 1.38 -23.63 19.59
N ALA A 294 0.69 -23.50 18.45
CA ALA A 294 -0.49 -22.63 18.33
C ALA A 294 -1.25 -23.02 17.09
N GLY A 295 -2.51 -22.59 17.01
CA GLY A 295 -3.32 -22.86 15.84
C GLY A 295 -4.63 -22.14 15.88
N LYS A 296 -5.37 -22.17 14.77
CA LYS A 296 -6.66 -21.49 14.72
C LYS A 296 -7.41 -21.92 13.48
N VAL A 297 -8.72 -21.65 13.45
CA VAL A 297 -9.50 -21.75 12.22
CA VAL A 297 -9.46 -21.76 12.20
C VAL A 297 -9.22 -20.46 11.44
N SER A 298 -9.00 -20.57 10.14
CA SER A 298 -8.66 -19.39 9.33
C SER A 298 -9.76 -18.36 9.15
N GLY A 299 -10.98 -18.78 8.84
CA GLY A 299 -12.04 -17.79 8.56
C GLY A 299 -12.87 -17.48 9.80
N ALA A 300 -14.18 -17.27 9.62
CA ALA A 300 -15.06 -16.95 10.74
C ALA A 300 -15.04 -18.06 11.81
N GLY A 301 -15.01 -19.31 11.36
CA GLY A 301 -14.97 -20.43 12.26
C GLY A 301 -15.93 -21.55 11.87
N GLY A 302 -15.97 -22.60 12.69
CA GLY A 302 -16.89 -23.70 12.50
C GLY A 302 -16.52 -24.76 11.49
N GLY A 303 -15.35 -24.60 10.85
CA GLY A 303 -14.83 -25.56 9.87
C GLY A 303 -13.88 -24.83 8.92
N GLY A 304 -13.75 -25.35 7.71
CA GLY A 304 -12.78 -24.82 6.75
C GLY A 304 -11.34 -25.09 7.15
N PHE A 305 -10.44 -24.26 6.64
CA PHE A 305 -9.02 -24.46 6.89
C PHE A 305 -8.64 -24.13 8.32
N MET A 306 -7.85 -25.01 8.93
CA MET A 306 -7.14 -24.65 10.14
C MET A 306 -5.69 -24.43 9.80
N LEU A 307 -5.03 -23.56 10.56
CA LEU A 307 -3.56 -23.42 10.45
C LEU A 307 -2.86 -23.65 11.79
N PHE A 308 -1.72 -24.32 11.74
CA PHE A 308 -0.94 -24.61 12.92
C PHE A 308 0.48 -24.08 12.78
N PHE A 309 0.98 -23.48 13.86
CA PHE A 309 2.39 -23.15 13.91
C PHE A 309 3.13 -24.24 14.67
N VAL A 310 4.16 -24.79 14.05
CA VAL A 310 4.86 -25.96 14.59
C VAL A 310 6.38 -25.75 14.42
N PRO A 311 7.16 -26.01 15.47
CA PRO A 311 8.59 -25.84 15.22
C PRO A 311 9.07 -26.88 14.19
N THR A 312 10.07 -26.52 13.41
CA THR A 312 10.52 -27.38 12.31
C THR A 312 10.88 -28.80 12.74
N GLU A 313 11.40 -28.99 13.95
CA GLU A 313 11.78 -30.33 14.41
CA GLU A 313 11.77 -30.31 14.49
C GLU A 313 10.56 -31.25 14.65
N LYS A 314 9.38 -30.65 14.78
CA LYS A 314 8.14 -31.38 15.07
CA LYS A 314 8.16 -31.41 15.05
C LYS A 314 7.20 -31.41 13.85
N ARG A 315 7.61 -30.70 12.79
CA ARG A 315 6.77 -30.52 11.59
C ARG A 315 6.27 -31.83 10.97
N MET A 316 7.17 -32.77 10.66
CA MET A 316 6.76 -34.02 10.06
C MET A 316 5.87 -34.85 11.01
N ASP A 317 6.19 -34.83 12.31
CA ASP A 317 5.30 -35.47 13.31
C ASP A 317 3.88 -34.93 13.25
N LEU A 318 3.75 -33.61 13.28
CA LEU A 318 2.43 -32.98 13.14
C LEU A 318 1.77 -33.41 11.82
N ILE A 319 2.53 -33.40 10.71
CA ILE A 319 1.95 -33.79 9.42
C ILE A 319 1.38 -35.22 9.45
N ARG A 320 2.15 -36.15 10.07
CA ARG A 320 1.72 -37.54 10.17
CA ARG A 320 1.73 -37.55 10.19
C ARG A 320 0.45 -37.68 11.04
N THR A 321 0.44 -37.00 12.19
CA THR A 321 -0.71 -36.98 13.10
C THR A 321 -2.00 -36.54 12.41
N LEU A 322 -1.92 -35.40 11.69
CA LEU A 322 -3.10 -34.90 10.99
C LEU A 322 -3.60 -35.88 9.92
N GLY A 323 -2.68 -36.64 9.32
CA GLY A 323 -3.06 -37.69 8.34
C GLY A 323 -4.09 -38.69 8.85
N GLU A 324 -4.16 -38.81 10.18
CA GLU A 324 -5.09 -39.73 10.84
CA GLU A 324 -5.08 -39.73 10.85
C GLU A 324 -6.46 -39.11 11.12
N TYR A 325 -6.65 -37.84 10.78
CA TYR A 325 -7.95 -37.20 10.97
C TYR A 325 -8.64 -36.94 9.65
N ASP A 326 -9.92 -36.57 9.73
CA ASP A 326 -10.70 -36.27 8.55
C ASP A 326 -10.32 -34.88 8.02
N GLY A 327 -9.67 -34.86 6.86
CA GLY A 327 -9.27 -33.60 6.24
C GLY A 327 -7.99 -33.76 5.42
N GLN A 328 -7.54 -32.65 4.82
CA GLN A 328 -6.38 -32.69 3.93
CA GLN A 328 -6.36 -32.71 3.97
C GLN A 328 -5.29 -31.76 4.46
N VAL A 329 -4.06 -32.24 4.49
CA VAL A 329 -2.95 -31.48 5.00
C VAL A 329 -2.27 -30.80 3.83
N SER A 330 -1.79 -29.57 4.02
CA SER A 330 -0.94 -28.95 3.01
CA SER A 330 -0.99 -28.90 2.99
C SER A 330 0.05 -27.97 3.62
N ASN A 331 1.09 -27.65 2.85
CA ASN A 331 2.03 -26.61 3.27
C ASN A 331 1.34 -25.25 3.05
N CYS A 332 2.00 -24.20 3.51
CA CYS A 332 1.46 -22.87 3.37
C CYS A 332 2.47 -22.01 2.59
N HIS A 333 2.10 -21.56 1.40
CA HIS A 333 2.94 -20.68 0.61
C HIS A 333 2.24 -19.36 0.33
N PHE A 334 2.87 -18.26 0.76
CA PHE A 334 2.31 -16.92 0.63
C PHE A 334 2.64 -16.31 -0.74
N THR A 335 1.75 -15.45 -1.24
CA THR A 335 1.95 -14.72 -2.50
CA THR A 335 1.98 -14.73 -2.47
C THR A 335 2.00 -13.23 -2.20
N LYS A 336 2.74 -12.48 -2.99
CA LYS A 336 2.85 -11.02 -2.83
C LYS A 336 1.93 -10.26 -3.79
N ASN A 337 1.50 -10.89 -4.88
CA ASN A 337 0.70 -10.19 -5.89
C ASN A 337 -0.78 -10.10 -5.56
N GLY A 338 -1.37 -8.95 -5.83
CA GLY A 338 -2.80 -8.77 -5.74
C GLY A 338 -3.48 -9.23 -7.01
N THR A 339 -4.69 -8.74 -7.23
CA THR A 339 -5.48 -9.18 -8.37
C THR A 339 -4.84 -8.78 -9.71
N GLN A 340 -4.90 -9.67 -10.68
CA GLN A 340 -4.24 -9.51 -11.96
CA GLN A 340 -4.32 -9.40 -11.97
C GLN A 340 -5.19 -9.96 -13.07
N ALA A 341 -5.07 -9.35 -14.24
CA ALA A 341 -5.89 -9.73 -15.39
C ALA A 341 -5.01 -9.93 -16.61
N TRP A 342 -5.47 -10.77 -17.54
CA TRP A 342 -4.77 -10.93 -18.80
C TRP A 342 -5.77 -11.17 -19.92
N ARG A 343 -5.32 -10.98 -21.15
CA ARG A 343 -6.17 -11.13 -22.34
CA ARG A 343 -6.18 -11.12 -22.34
C ARG A 343 -5.77 -12.36 -23.13
N ILE A 344 -6.77 -13.08 -23.65
CA ILE A 344 -6.54 -14.31 -24.40
C ILE A 344 -6.90 -14.07 -25.88
N ALA A 345 -7.97 -13.32 -26.09
CA ALA A 345 -8.33 -12.84 -27.44
C ALA A 345 -8.70 -11.37 -27.39
N ASN A 346 -8.20 -10.60 -28.35
CA ASN A 346 -8.52 -9.18 -28.52
C ASN A 346 -8.46 -8.35 -27.23
N ASN B 2 32.13 -6.62 20.04
CA ASN B 2 32.43 -5.84 18.80
C ASN B 2 31.31 -4.90 18.37
N PRO B 3 31.66 -3.80 17.66
CA PRO B 3 30.65 -2.86 17.17
C PRO B 3 29.61 -3.45 16.20
N THR B 4 28.38 -2.95 16.31
CA THR B 4 27.36 -3.22 15.30
C THR B 4 27.45 -2.15 14.21
N ILE B 5 27.39 -2.56 12.94
CA ILE B 5 27.28 -1.65 11.79
C ILE B 5 26.01 -1.96 10.98
N ILE B 6 25.17 -0.94 10.84
CA ILE B 6 23.88 -1.00 10.16
CA ILE B 6 23.91 -1.04 10.11
C ILE B 6 23.87 0.05 9.05
N ARG B 7 23.39 -0.30 7.87
CA ARG B 7 23.14 0.72 6.85
C ARG B 7 21.68 0.63 6.42
N ALA B 8 21.16 1.73 5.91
CA ALA B 8 19.83 1.78 5.39
C ALA B 8 19.86 2.69 4.19
N ARG B 9 18.93 2.48 3.28
CA ARG B 9 18.84 3.33 2.09
C ARG B 9 17.37 3.56 1.84
N ALA B 10 17.08 4.66 1.16
CA ALA B 10 15.72 4.99 0.76
C ALA B 10 15.77 5.71 -0.57
N PRO B 11 14.89 5.31 -1.52
CA PRO B 11 14.92 5.92 -2.85
C PRO B 11 14.40 7.37 -2.83
N LEU B 12 15.03 8.20 -3.63
CA LEU B 12 14.57 9.56 -3.92
C LEU B 12 13.38 9.50 -4.89
N ARG B 13 12.73 10.63 -5.15
CA ARG B 13 11.46 10.59 -5.87
C ARG B 13 11.32 11.68 -6.92
N LEU B 14 10.60 11.35 -7.97
CA LEU B 14 10.19 12.34 -8.97
CA LEU B 14 10.19 12.29 -9.01
C LEU B 14 8.75 12.71 -8.68
N GLY B 15 8.53 14.02 -8.57
CA GLY B 15 7.17 14.54 -8.38
C GLY B 15 6.53 14.55 -9.75
N LEU B 16 5.46 13.79 -9.90
CA LEU B 16 4.78 13.71 -11.18
C LEU B 16 3.64 14.73 -11.30
N ALA B 17 2.89 14.93 -10.21
CA ALA B 17 1.78 15.88 -10.23
C ALA B 17 1.34 16.16 -8.81
N GLY B 18 0.58 17.25 -8.61
CA GLY B 18 0.01 17.51 -7.31
C GLY B 18 0.87 18.31 -6.33
N GLY B 19 2.18 18.40 -6.55
CA GLY B 19 3.08 19.10 -5.62
C GLY B 19 2.60 20.54 -5.36
N GLY B 20 2.57 20.94 -4.10
CA GLY B 20 2.05 22.26 -3.74
C GLY B 20 0.71 22.15 -3.03
N THR B 21 -0.09 21.16 -3.39
CA THR B 21 -1.36 20.92 -2.71
C THR B 21 -1.10 20.22 -1.38
N ASP B 22 0.16 19.84 -1.16
CA ASP B 22 0.52 19.23 0.11
C ASP B 22 1.04 20.24 1.14
N VAL B 23 1.10 21.53 0.78
CA VAL B 23 1.47 22.55 1.77
C VAL B 23 0.33 22.71 2.79
N ALA B 24 0.71 22.88 4.05
CA ALA B 24 -0.20 22.76 5.20
C ALA B 24 -1.56 23.44 5.06
N PRO B 25 -1.58 24.76 4.75
CA PRO B 25 -2.90 25.38 4.71
C PRO B 25 -3.79 24.81 3.60
N TYR B 26 -3.24 24.52 2.43
CA TYR B 26 -4.05 23.96 1.35
C TYR B 26 -4.60 22.57 1.71
N ALA B 27 -3.71 21.65 2.06
CA ALA B 27 -4.11 20.28 2.38
C ALA B 27 -5.12 20.23 3.52
N ASP B 28 -4.89 21.02 4.57
CA ASP B 28 -5.80 21.09 5.70
C ASP B 28 -7.15 21.72 5.35
N THR B 29 -7.18 22.59 4.36
CA THR B 29 -8.41 23.31 3.99
C THR B 29 -9.19 22.58 2.92
N PHE B 30 -8.52 22.20 1.84
CA PHE B 30 -9.17 21.61 0.67
C PHE B 30 -8.87 20.13 0.44
N GLY B 31 -7.81 19.62 1.06
CA GLY B 31 -7.32 18.26 0.75
C GLY B 31 -6.37 18.32 -0.44
N GLY B 32 -5.20 17.72 -0.31
CA GLY B 32 -4.24 17.71 -1.40
C GLY B 32 -4.16 16.33 -2.05
N TYR B 33 -3.68 16.30 -3.29
CA TYR B 33 -3.35 15.07 -4.01
C TYR B 33 -1.92 15.20 -4.50
N VAL B 34 -1.09 14.17 -4.32
CA VAL B 34 0.21 14.14 -4.99
C VAL B 34 0.41 12.79 -5.62
N LEU B 35 0.80 12.81 -6.90
CA LEU B 35 1.23 11.59 -7.58
C LEU B 35 2.75 11.65 -7.71
N ASN B 36 3.46 10.67 -7.13
CA ASN B 36 4.90 10.61 -7.30
C ASN B 36 5.42 9.19 -7.50
N ALA B 37 6.72 9.08 -7.77
CA ALA B 37 7.33 7.80 -8.11
C ALA B 37 8.80 7.79 -7.72
N THR B 38 9.24 6.68 -7.12
CA THR B 38 10.62 6.56 -6.69
C THR B 38 11.51 6.15 -7.83
N ILE B 39 12.73 6.68 -7.79
CA ILE B 39 13.74 6.43 -8.81
C ILE B 39 15.01 5.78 -8.25
N ASP B 40 15.99 5.65 -9.13
CA ASP B 40 17.16 4.81 -8.85
CA ASP B 40 17.19 4.90 -8.98
C ASP B 40 18.32 5.58 -8.18
N ARG B 41 17.98 6.57 -7.37
CA ARG B 41 18.97 7.34 -6.60
CA ARG B 41 18.96 7.34 -6.58
C ARG B 41 18.56 7.28 -5.12
N TYR B 42 19.55 7.22 -4.23
CA TYR B 42 19.27 6.92 -2.82
C TYR B 42 19.85 7.90 -1.81
N ALA B 43 19.14 8.09 -0.70
CA ALA B 43 19.69 8.62 0.53
C ALA B 43 20.13 7.41 1.38
N TYR B 44 21.19 7.60 2.17
CA TYR B 44 21.72 6.54 2.99
C TYR B 44 21.95 7.03 4.40
N ALA B 45 21.81 6.11 5.36
CA ALA B 45 22.24 6.34 6.74
C ALA B 45 22.99 5.12 7.23
N VAL B 46 23.99 5.37 8.08
CA VAL B 46 24.80 4.33 8.65
C VAL B 46 24.83 4.57 10.14
N ILE B 47 24.63 3.50 10.89
CA ILE B 47 24.86 3.56 12.33
C ILE B 47 25.97 2.59 12.71
N LYS B 48 26.95 3.11 13.43
CA LYS B 48 28.04 2.32 13.98
CA LYS B 48 28.05 2.34 13.98
C LYS B 48 28.05 2.51 15.50
N THR B 49 27.90 1.42 16.24
CA THR B 49 28.01 1.55 17.71
C THR B 49 29.47 1.83 18.04
N LEU B 50 29.69 2.62 19.09
CA LEU B 50 31.06 3.02 19.43
C LEU B 50 31.48 2.35 20.74
N THR B 51 32.78 2.31 20.99
CA THR B 51 33.27 1.74 22.26
C THR B 51 33.65 2.84 23.25
N ILE B 52 33.67 4.08 22.78
CA ILE B 52 33.86 5.24 23.64
C ILE B 52 32.51 5.82 24.06
N PRO B 53 32.46 6.48 25.23
CA PRO B 53 31.23 7.14 25.68
C PRO B 53 30.95 8.44 24.92
N ALA B 54 30.42 8.30 23.71
CA ALA B 54 30.26 9.46 22.82
C ALA B 54 29.17 9.19 21.80
N VAL B 55 28.64 10.28 21.25
CA VAL B 55 27.72 10.22 20.14
CA VAL B 55 27.71 10.24 20.13
C VAL B 55 28.27 11.15 19.04
N ARG B 56 28.32 10.63 17.82
CA ARG B 56 28.86 11.38 16.70
CA ARG B 56 28.87 11.37 16.70
C ARG B 56 27.84 11.42 15.57
N PHE B 57 27.67 12.61 14.97
CA PHE B 57 26.76 12.82 13.82
C PHE B 57 27.56 13.33 12.65
N VAL B 58 27.36 12.74 11.47
CA VAL B 58 28.09 13.10 10.27
C VAL B 58 27.08 13.25 9.15
N SER B 59 27.10 14.38 8.46
CA SER B 59 26.14 14.65 7.39
C SER B 59 26.72 14.50 5.98
N THR B 60 25.83 14.56 5.01
CA THR B 60 26.16 14.40 3.59
C THR B 60 27.23 15.37 3.11
N ASP B 61 27.10 16.64 3.52
CA ASP B 61 28.12 17.63 3.16
CA ASP B 61 28.07 17.72 3.25
C ASP B 61 29.28 17.64 4.18
N GLN B 62 29.45 16.49 4.83
CA GLN B 62 30.55 16.22 5.76
CA GLN B 62 30.56 16.21 5.77
C GLN B 62 30.69 17.16 6.98
N GLN B 63 29.58 17.81 7.39
CA GLN B 63 29.53 18.42 8.71
CA GLN B 63 29.50 18.43 8.72
C GLN B 63 29.57 17.31 9.75
N VAL B 64 30.21 17.59 10.90
CA VAL B 64 30.37 16.59 11.95
C VAL B 64 30.23 17.20 13.34
N GLU B 65 29.47 16.52 14.19
CA GLU B 65 29.38 16.91 15.58
CA GLU B 65 29.30 16.89 15.60
C GLU B 65 29.69 15.71 16.47
N LYS B 66 30.26 15.99 17.63
CA LYS B 66 30.60 14.96 18.58
CA LYS B 66 30.63 14.96 18.58
C LYS B 66 30.27 15.45 19.97
N HIS B 67 29.61 14.60 20.75
CA HIS B 67 29.17 14.93 22.10
C HIS B 67 29.50 13.81 23.06
N GLN B 68 29.70 14.15 24.33
CA GLN B 68 29.84 13.17 25.42
CA GLN B 68 29.83 13.15 25.39
C GLN B 68 28.46 12.57 25.77
N LEU B 69 28.45 11.31 26.19
CA LEU B 69 27.23 10.63 26.64
C LEU B 69 26.57 11.30 27.85
N ILE B 70 25.63 12.21 27.58
CA ILE B 70 24.85 12.89 28.62
C ILE B 70 23.45 12.30 28.74
N SER B 71 22.82 12.50 29.90
CA SER B 71 21.49 11.98 30.15
C SER B 71 20.38 13.00 29.85
N GLU B 72 20.77 14.09 29.17
CA GLU B 72 19.82 15.10 28.73
CA GLU B 72 19.84 15.13 28.72
C GLU B 72 19.58 14.96 27.22
N PRO B 73 18.37 15.33 26.74
CA PRO B 73 18.22 15.36 25.28
C PRO B 73 19.24 16.30 24.66
N LEU B 74 19.73 15.98 23.47
CA LEU B 74 20.63 16.89 22.77
C LEU B 74 19.91 18.17 22.38
N GLU B 75 20.60 19.30 22.44
CA GLU B 75 20.01 20.55 22.06
C GLU B 75 19.96 20.68 20.55
N LEU B 76 18.84 21.20 20.03
CA LEU B 76 18.74 21.47 18.60
C LEU B 76 19.21 22.90 18.35
N ASN B 77 20.53 23.05 18.22
CA ASN B 77 21.18 24.36 18.20
C ASN B 77 21.34 24.94 16.82
N GLY B 78 20.90 24.20 15.80
CA GLY B 78 21.02 24.67 14.44
C GLY B 78 22.05 23.91 13.62
N THR B 79 22.87 23.09 14.28
CA THR B 79 23.82 22.26 13.55
C THR B 79 23.35 20.79 13.63
N LEU B 80 23.07 20.19 12.47
CA LEU B 80 22.64 18.79 12.40
CA LEU B 80 22.60 18.80 12.36
C LEU B 80 21.38 18.50 13.22
N ASN B 81 20.41 19.42 13.17
CA ASN B 81 19.20 19.28 13.98
C ASN B 81 18.42 17.99 13.68
N LEU B 82 18.36 17.60 12.40
CA LEU B 82 17.58 16.40 12.04
C LEU B 82 18.21 15.14 12.59
N HIS B 83 19.55 15.06 12.54
CA HIS B 83 20.26 13.89 13.08
C HIS B 83 19.99 13.81 14.59
N LYS B 84 20.09 14.97 15.26
CA LYS B 84 19.96 15.05 16.72
C LYS B 84 18.53 14.74 17.13
N ALA B 85 17.56 15.26 16.37
CA ALA B 85 16.14 15.05 16.67
C ALA B 85 15.72 13.57 16.51
N VAL B 86 16.26 12.91 15.49
CA VAL B 86 16.00 11.46 15.35
C VAL B 86 16.62 10.69 16.53
N TYR B 87 17.88 10.97 16.84
CA TYR B 87 18.54 10.38 17.99
C TYR B 87 17.73 10.60 19.27
N ASN B 88 17.36 11.85 19.52
CA ASN B 88 16.57 12.20 20.72
C ASN B 88 15.27 11.37 20.82
N HIS B 89 14.53 11.34 19.72
CA HIS B 89 13.27 10.58 19.71
C HIS B 89 13.47 9.10 20.01
N MET B 90 14.45 8.46 19.38
CA MET B 90 14.68 7.04 19.59
C MET B 90 15.12 6.68 21.00
N ILE B 91 16.01 7.49 21.58
CA ILE B 91 16.51 7.21 22.93
C ILE B 91 15.35 7.41 23.93
N ARG B 92 14.58 8.48 23.75
CA ARG B 92 13.47 8.81 24.64
CA ARG B 92 13.47 8.82 24.64
C ARG B 92 12.37 7.75 24.58
N ASN B 93 11.93 7.42 23.37
CA ASN B 93 10.77 6.54 23.20
C ASN B 93 11.04 5.04 23.10
N TYR B 94 12.32 4.64 22.95
CA TYR B 94 12.66 3.21 22.79
C TYR B 94 13.87 2.74 23.57
N ASN B 95 14.49 3.63 24.34
CA ASN B 95 15.58 3.20 25.20
C ASN B 95 15.49 3.78 26.61
N HIS B 96 14.26 4.10 27.02
CA HIS B 96 13.96 4.58 28.38
C HIS B 96 14.79 5.82 28.73
N GLY B 97 15.20 6.55 27.70
CA GLY B 97 15.98 7.77 27.86
C GLY B 97 17.45 7.53 28.18
N LYS B 98 17.92 6.30 28.01
CA LYS B 98 19.34 6.02 28.24
C LYS B 98 20.10 6.21 26.92
N PRO B 99 21.12 7.07 26.92
CA PRO B 99 21.83 7.32 25.67
C PRO B 99 22.54 6.08 25.15
N ILE B 100 22.73 6.01 23.84
CA ILE B 100 23.46 4.92 23.22
C ILE B 100 24.67 5.54 22.55
N ALA B 101 25.82 4.91 22.74
CA ALA B 101 27.04 5.40 22.10
C ALA B 101 27.10 4.89 20.65
N LEU B 102 26.97 5.83 19.71
CA LEU B 102 26.92 5.49 18.29
C LEU B 102 27.38 6.66 17.42
N GLU B 103 27.71 6.35 16.17
CA GLU B 103 27.88 7.35 15.15
C GLU B 103 26.76 7.17 14.13
N LEU B 104 26.02 8.24 13.88
CA LEU B 104 24.97 8.26 12.88
C LEU B 104 25.45 9.12 11.73
N SER B 105 25.67 8.49 10.57
CA SER B 105 26.09 9.24 9.39
CA SER B 105 26.14 9.17 9.35
C SER B 105 25.11 9.12 8.23
N THR B 106 25.09 10.14 7.38
CA THR B 106 24.23 10.13 6.19
C THR B 106 25.01 10.53 4.94
N PHE B 107 24.52 10.08 3.79
CA PHE B 107 25.02 10.56 2.50
C PHE B 107 23.91 10.41 1.49
N CYS B 108 24.05 10.99 0.32
CA CYS B 108 22.92 11.01 -0.60
C CYS B 108 23.35 11.15 -2.04
N ASP B 109 22.60 10.48 -2.91
CA ASP B 109 22.87 10.54 -4.36
C ASP B 109 22.51 11.88 -5.03
N ALA B 110 21.81 12.77 -4.31
CA ALA B 110 21.50 14.12 -4.81
C ALA B 110 21.48 15.14 -3.67
N PRO B 111 22.07 16.34 -3.88
CA PRO B 111 22.04 17.38 -2.85
C PRO B 111 20.67 17.97 -2.64
N ALA B 112 20.44 18.57 -1.47
CA ALA B 112 19.19 19.31 -1.18
C ALA B 112 18.97 20.40 -2.22
N GLY B 113 17.72 20.58 -2.60
CA GLY B 113 17.36 21.50 -3.68
C GLY B 113 17.49 20.91 -5.07
N SER B 114 17.74 19.59 -5.17
CA SER B 114 17.82 18.90 -6.46
CA SER B 114 17.82 18.96 -6.48
C SER B 114 16.43 18.59 -7.01
N GLY B 115 15.41 18.76 -6.19
CA GLY B 115 14.04 18.47 -6.60
C GLY B 115 13.64 17.00 -6.48
N LEU B 116 14.41 16.21 -5.72
CA LEU B 116 14.18 14.77 -5.58
C LEU B 116 13.73 14.35 -4.17
N GLY B 117 13.34 15.32 -3.35
CA GLY B 117 12.89 15.03 -1.98
C GLY B 117 13.99 14.59 -1.02
N SER B 118 15.25 15.01 -1.27
CA SER B 118 16.37 14.51 -0.46
CA SER B 118 16.40 14.54 -0.47
C SER B 118 16.25 14.78 1.05
N SER B 119 15.78 15.96 1.45
CA SER B 119 15.75 16.26 2.91
C SER B 119 14.92 15.29 3.70
N SER B 120 13.67 15.10 3.28
CA SER B 120 12.78 14.19 4.00
C SER B 120 13.20 12.73 3.83
N THR B 121 13.73 12.40 2.66
CA THR B 121 14.19 11.03 2.41
C THR B 121 15.35 10.71 3.39
N LEU B 122 16.24 11.68 3.63
CA LEU B 122 17.30 11.52 4.64
C LEU B 122 16.77 11.27 6.06
N VAL B 123 15.70 11.97 6.46
CA VAL B 123 15.08 11.72 7.78
C VAL B 123 14.52 10.28 7.91
N VAL B 124 13.82 9.82 6.86
CA VAL B 124 13.27 8.45 6.80
C VAL B 124 14.38 7.42 6.94
N VAL B 125 15.48 7.62 6.22
CA VAL B 125 16.52 6.60 6.25
C VAL B 125 17.24 6.55 7.61
N MET B 126 17.39 7.69 8.29
CA MET B 126 17.95 7.66 9.65
C MET B 126 17.00 6.92 10.57
N ILE B 127 15.70 7.15 10.40
CA ILE B 127 14.71 6.42 11.21
C ILE B 127 14.81 4.92 10.94
N LYS B 128 14.84 4.56 9.65
CA LYS B 128 14.93 3.15 9.26
C LYS B 128 16.16 2.48 9.85
N ALA B 129 17.31 3.18 9.82
CA ALA B 129 18.51 2.63 10.41
C ALA B 129 18.28 2.34 11.91
N PHE B 130 17.56 3.22 12.61
CA PHE B 130 17.28 2.99 14.05
C PHE B 130 16.25 1.87 14.26
N VAL B 131 15.31 1.75 13.32
CA VAL B 131 14.35 0.64 13.33
C VAL B 131 15.10 -0.66 13.26
N GLU B 132 16.10 -0.71 12.39
CA GLU B 132 16.93 -1.90 12.25
C GLU B 132 17.82 -2.15 13.49
N LEU B 133 18.44 -1.09 14.02
CA LEU B 133 19.31 -1.20 15.20
C LEU B 133 18.54 -1.72 16.43
N LEU B 134 17.40 -1.09 16.70
CA LEU B 134 16.63 -1.39 17.90
C LEU B 134 15.54 -2.44 17.69
N ASN B 135 15.44 -3.01 16.47
CA ASN B 135 14.36 -3.97 16.12
C ASN B 135 12.99 -3.41 16.52
N LEU B 136 12.63 -2.24 15.97
CA LEU B 136 11.38 -1.59 16.34
C LEU B 136 10.27 -2.07 15.43
N PRO B 137 9.03 -2.15 15.94
CA PRO B 137 7.92 -2.60 15.08
C PRO B 137 7.24 -1.46 14.30
N LEU B 138 8.02 -0.61 13.66
CA LEU B 138 7.44 0.53 12.97
C LEU B 138 7.20 0.12 11.54
N ASP B 139 5.95 0.21 11.10
CA ASP B 139 5.67 -0.13 9.73
C ASP B 139 5.81 1.14 8.90
N ASP B 140 5.55 1.03 7.59
CA ASP B 140 5.76 2.13 6.66
C ASP B 140 4.99 3.39 7.01
N TYR B 141 3.70 3.27 7.36
CA TYR B 141 2.91 4.44 7.79
C TYR B 141 3.52 5.08 9.03
N ALA B 142 3.95 4.26 9.98
CA ALA B 142 4.48 4.78 11.23
C ALA B 142 5.80 5.50 10.97
N ILE B 143 6.66 4.93 10.13
CA ILE B 143 7.93 5.61 9.79
C ILE B 143 7.70 6.95 9.10
N ALA B 144 6.80 7.00 8.11
CA ALA B 144 6.52 8.26 7.40
C ALA B 144 5.99 9.35 8.32
N GLN B 145 5.05 8.97 9.19
N GLN B 145 5.05 8.96 9.19
CA GLN B 145 4.47 9.93 10.15
CA GLN B 145 4.46 9.89 10.17
C GLN B 145 5.51 10.42 11.16
C GLN B 145 5.52 10.42 11.14
N LEU B 146 6.43 9.54 11.56
CA LEU B 146 7.50 9.90 12.48
C LEU B 146 8.46 10.87 11.78
N ALA B 147 8.87 10.54 10.55
CA ALA B 147 9.70 11.45 9.78
C ALA B 147 9.05 12.84 9.66
N TYR B 148 7.75 12.88 9.43
CA TYR B 148 7.04 14.14 9.30
C TYR B 148 7.09 14.95 10.60
N ARG B 149 6.79 14.28 11.71
CA ARG B 149 6.79 14.94 13.00
CA ARG B 149 6.80 14.88 13.04
C ARG B 149 8.19 15.44 13.37
N ILE B 150 9.22 14.62 13.16
CA ILE B 150 10.58 15.03 13.48
CA ILE B 150 10.62 14.98 13.42
C ILE B 150 10.99 16.29 12.73
N GLU B 151 10.73 16.35 11.41
CA GLU B 151 11.17 17.46 10.60
C GLU B 151 10.33 18.72 10.83
N ARG B 152 9.01 18.56 10.89
CA ARG B 152 8.11 19.72 10.84
C ARG B 152 7.72 20.22 12.23
N VAL B 153 7.65 19.33 13.19
CA VAL B 153 7.31 19.72 14.55
C VAL B 153 8.60 19.87 15.38
N ASP B 154 9.30 18.76 15.65
CA ASP B 154 10.53 18.81 16.47
C ASP B 154 11.55 19.82 15.95
N CYS B 155 11.76 19.85 14.63
CA CYS B 155 12.77 20.74 14.05
C CYS B 155 12.18 22.01 13.48
N GLY B 156 10.85 22.11 13.56
CA GLY B 156 10.12 23.29 13.08
C GLY B 156 10.38 23.69 11.64
N LEU B 157 10.68 22.71 10.77
CA LEU B 157 10.97 23.02 9.37
C LEU B 157 9.72 22.91 8.48
N ALA B 158 9.30 24.04 7.91
CA ALA B 158 8.08 24.07 7.08
C ALA B 158 8.33 23.33 5.77
N GLY B 159 7.32 22.61 5.31
CA GLY B 159 7.46 21.90 4.05
C GLY B 159 6.25 21.07 3.65
N GLY B 160 6.51 20.14 2.74
CA GLY B 160 5.47 19.31 2.13
C GLY B 160 5.23 18.04 2.90
N ARG B 161 4.45 17.15 2.30
CA ARG B 161 4.04 15.93 2.98
C ARG B 161 4.31 14.68 2.13
N GLN B 162 4.70 14.87 0.86
CA GLN B 162 4.81 13.75 -0.07
C GLN B 162 6.08 12.93 0.08
N ASP B 163 7.17 13.59 0.47
CA ASP B 163 8.48 12.96 0.44
C ASP B 163 8.64 11.85 1.45
N GLN B 164 8.00 12.00 2.59
CA GLN B 164 8.07 11.00 3.65
C GLN B 164 7.51 9.66 3.15
N TYR B 165 6.46 9.72 2.33
CA TYR B 165 5.74 8.53 1.92
C TYR B 165 6.41 7.81 0.77
N SER B 166 6.95 8.55 -0.19
CA SER B 166 7.69 7.94 -1.28
C SER B 166 8.93 7.22 -0.75
N ALA B 167 9.68 7.88 0.13
CA ALA B 167 10.92 7.30 0.68
C ALA B 167 10.68 6.00 1.43
N THR B 168 9.54 5.93 2.14
CA THR B 168 9.22 4.78 2.97
CA THR B 168 9.24 4.75 2.96
C THR B 168 8.62 3.62 2.14
N PHE B 169 7.52 3.92 1.45
CA PHE B 169 6.72 2.94 0.69
C PHE B 169 7.37 2.49 -0.61
N GLY B 170 7.94 3.42 -1.36
CA GLY B 170 8.50 3.10 -2.69
C GLY B 170 7.46 2.91 -3.81
N GLY B 171 7.94 2.95 -5.05
CA GLY B 171 7.10 2.71 -6.21
C GLY B 171 6.31 3.93 -6.63
N PHE B 172 5.20 3.71 -7.35
CA PHE B 172 4.31 4.79 -7.77
C PHE B 172 3.18 4.90 -6.75
N ASN B 173 2.99 6.09 -6.21
CA ASN B 173 1.95 6.30 -5.22
C ASN B 173 1.13 7.54 -5.51
N PHE B 174 -0.15 7.46 -5.13
CA PHE B 174 -1.04 8.60 -5.15
C PHE B 174 -1.41 8.86 -3.70
N MET B 175 -1.18 10.09 -3.24
CA MET B 175 -1.39 10.40 -1.84
CA MET B 175 -1.39 10.41 -1.84
C MET B 175 -2.50 11.42 -1.69
N GLU B 176 -3.32 11.21 -0.67
CA GLU B 176 -4.39 12.14 -0.35
C GLU B 176 -4.03 12.73 0.99
N PHE B 177 -3.97 14.06 1.03
CA PHE B 177 -3.52 14.74 2.23
C PHE B 177 -4.72 15.46 2.84
N TYR B 178 -5.04 15.12 4.08
CA TYR B 178 -6.17 15.75 4.78
C TYR B 178 -5.73 16.46 6.05
N ALA B 179 -6.69 17.09 6.73
CA ALA B 179 -6.45 17.79 7.99
C ALA B 179 -5.92 16.86 9.09
N ALA B 180 -5.30 17.45 10.11
CA ALA B 180 -4.79 16.70 11.27
C ALA B 180 -3.78 15.60 10.90
N ALA B 181 -2.87 15.92 9.97
CA ALA B 181 -1.80 15.01 9.56
C ALA B 181 -2.28 13.63 9.05
N ARG B 182 -3.53 13.59 8.59
CA ARG B 182 -4.12 12.37 8.03
C ARG B 182 -3.76 12.23 6.53
N THR B 183 -3.08 11.14 6.19
CA THR B 183 -2.59 10.91 4.83
C THR B 183 -2.92 9.49 4.44
N ILE B 184 -3.49 9.32 3.25
CA ILE B 184 -3.81 8.01 2.72
C ILE B 184 -2.89 7.77 1.53
N VAL B 185 -2.15 6.67 1.57
CA VAL B 185 -1.28 6.28 0.45
C VAL B 185 -2.02 5.26 -0.42
N ASN B 186 -2.23 5.61 -1.68
CA ASN B 186 -2.73 4.66 -2.68
C ASN B 186 -1.61 4.13 -3.53
N PRO B 187 -1.06 2.95 -3.18
CA PRO B 187 -0.02 2.40 -4.05
C PRO B 187 -0.64 2.07 -5.40
N LEU B 188 0.06 2.41 -6.47
CA LEU B 188 -0.47 2.18 -7.78
C LEU B 188 0.24 1.00 -8.40
N ARG B 189 -0.53 0.01 -8.84
CA ARG B 189 0.08 -1.12 -9.51
C ARG B 189 -0.10 -0.87 -11.00
N ILE B 190 0.94 -0.32 -11.60
CA ILE B 190 0.88 0.09 -12.99
CA ILE B 190 0.95 0.12 -13.00
C ILE B 190 1.37 -1.05 -13.89
N LYS B 191 0.71 -1.24 -15.03
CA LYS B 191 1.06 -2.35 -15.94
C LYS B 191 2.50 -2.25 -16.41
N ASN B 192 3.15 -3.40 -16.59
CA ASN B 192 4.55 -3.43 -17.04
CA ASN B 192 4.54 -3.45 -17.03
C ASN B 192 4.81 -2.69 -18.34
N TRP B 193 3.93 -2.87 -19.33
CA TRP B 193 4.09 -2.12 -20.59
C TRP B 193 4.03 -0.59 -20.39
N VAL B 194 3.19 -0.12 -19.48
CA VAL B 194 3.06 1.32 -19.23
C VAL B 194 4.34 1.89 -18.60
N LEU B 195 4.89 1.16 -17.61
CA LEU B 195 6.16 1.54 -17.01
CA LEU B 195 6.17 1.49 -17.00
C LEU B 195 7.30 1.55 -18.03
N CYS B 196 7.39 0.52 -18.89
CA CYS B 196 8.42 0.50 -19.93
C CYS B 196 8.25 1.69 -20.89
N GLU B 197 7.02 1.91 -21.34
CA GLU B 197 6.71 3.02 -22.25
C GLU B 197 7.06 4.39 -21.61
N LEU B 198 6.68 4.56 -20.35
CA LEU B 198 6.99 5.77 -19.61
C LEU B 198 8.50 6.03 -19.50
N GLU B 199 9.26 5.00 -19.09
CA GLU B 199 10.72 5.12 -19.06
C GLU B 199 11.33 5.41 -20.42
N ALA B 200 10.84 4.78 -21.48
CA ALA B 200 11.35 5.04 -22.83
C ALA B 200 10.98 6.48 -23.30
N SER B 201 10.03 7.11 -22.61
CA SER B 201 9.56 8.43 -23.01
C SER B 201 10.04 9.57 -22.11
N LEU B 202 10.74 9.26 -21.03
CA LEU B 202 11.15 10.32 -20.11
C LEU B 202 12.64 10.61 -20.23
N VAL B 203 12.98 11.90 -20.23
CA VAL B 203 14.39 12.33 -20.16
C VAL B 203 14.51 13.27 -18.95
N LEU B 204 15.51 13.06 -18.11
CA LEU B 204 15.72 13.95 -16.96
C LEU B 204 16.82 14.96 -17.25
N PHE B 205 16.66 16.18 -16.73
CA PHE B 205 17.69 17.22 -16.87
C PHE B 205 17.96 17.91 -15.54
N TYR B 206 19.17 17.78 -15.04
CA TYR B 206 19.55 18.46 -13.81
C TYR B 206 20.03 19.87 -14.12
N THR B 207 19.30 20.86 -13.60
CA THR B 207 19.61 22.26 -13.89
C THR B 207 20.50 22.89 -12.82
N GLY B 208 20.81 22.15 -11.77
CA GLY B 208 21.52 22.70 -10.61
C GLY B 208 20.62 22.83 -9.39
N VAL B 209 21.22 23.20 -8.26
CA VAL B 209 20.51 23.33 -6.99
CA VAL B 209 20.51 23.33 -6.99
C VAL B 209 19.50 24.48 -6.96
N SER B 210 18.26 24.18 -6.60
CA SER B 210 17.25 25.22 -6.43
C SER B 210 17.45 25.88 -5.09
N ARG B 211 17.31 27.20 -5.07
CA ARG B 211 17.40 27.99 -3.86
CA ARG B 211 17.39 27.95 -3.82
C ARG B 211 16.01 28.51 -3.48
N GLU B 212 15.00 28.12 -4.25
CA GLU B 212 13.64 28.69 -4.13
C GLU B 212 12.60 27.93 -3.30
N SER B 213 12.91 26.68 -2.93
CA SER B 213 11.95 25.81 -2.27
CA SER B 213 11.94 25.80 -2.28
C SER B 213 11.18 26.47 -1.13
N ALA B 214 11.93 27.05 -0.18
CA ALA B 214 11.34 27.69 1.01
C ALA B 214 10.40 28.84 0.63
N LYS B 215 10.81 29.62 -0.37
CA LYS B 215 10.03 30.75 -0.87
C LYS B 215 8.75 30.28 -1.55
N ILE B 216 8.85 29.24 -2.38
CA ILE B 216 7.67 28.74 -3.09
C ILE B 216 6.62 28.20 -2.12
N ILE B 217 7.09 27.45 -1.13
CA ILE B 217 6.21 26.85 -0.13
C ILE B 217 5.52 27.95 0.69
N GLN B 218 6.30 28.93 1.14
CA GLN B 218 5.78 30.08 1.89
CA GLN B 218 5.76 30.06 1.90
C GLN B 218 4.70 30.79 1.07
N ASP B 219 4.99 31.03 -0.22
CA ASP B 219 4.05 31.68 -1.13
C ASP B 219 2.78 30.89 -1.36
N GLN B 220 2.92 29.60 -1.61
CA GLN B 220 1.77 28.71 -1.76
C GLN B 220 0.89 28.68 -0.50
N SER B 221 1.53 28.69 0.67
CA SER B 221 0.80 28.70 1.93
CA SER B 221 0.82 28.71 1.94
C SER B 221 0.07 30.03 2.12
N ASP B 222 0.77 31.14 1.82
CA ASP B 222 0.20 32.49 1.86
CA ASP B 222 0.20 32.49 1.87
C ASP B 222 -1.01 32.63 0.93
N ASN B 223 -0.95 32.00 -0.24
CA ASN B 223 -2.09 32.03 -1.16
C ASN B 223 -3.37 31.67 -0.45
N VAL B 224 -3.31 30.64 0.38
CA VAL B 224 -4.50 30.15 1.06
C VAL B 224 -4.89 31.06 2.22
N VAL B 225 -3.91 31.44 3.03
CA VAL B 225 -4.16 32.27 4.21
C VAL B 225 -4.64 33.68 3.83
N SER B 226 -3.92 34.34 2.93
N SER B 226 -3.91 34.35 2.95
CA SER B 226 -4.26 35.70 2.49
CA SER B 226 -4.28 35.71 2.50
C SER B 226 -5.32 35.73 1.38
C SER B 226 -5.30 35.73 1.36
N HIS B 227 -5.95 34.59 1.13
CA HIS B 227 -7.04 34.45 0.16
C HIS B 227 -6.79 35.03 -1.23
N LYS B 228 -5.63 34.70 -1.81
CA LYS B 228 -5.32 35.09 -3.18
C LYS B 228 -6.09 34.18 -4.14
N THR B 229 -7.29 34.63 -4.50
CA THR B 229 -8.26 33.80 -5.22
C THR B 229 -7.68 33.14 -6.47
N ALA B 230 -7.02 33.92 -7.33
CA ALA B 230 -6.45 33.40 -8.57
C ALA B 230 -5.39 32.32 -8.32
N ALA B 231 -4.51 32.58 -7.37
CA ALA B 231 -3.47 31.63 -7.00
C ALA B 231 -4.04 30.36 -6.36
N ILE B 232 -5.14 30.51 -5.61
CA ILE B 232 -5.85 29.37 -5.02
C ILE B 232 -6.45 28.49 -6.13
N GLU B 233 -7.03 29.14 -7.14
CA GLU B 233 -7.62 28.44 -8.29
CA GLU B 233 -7.60 28.44 -8.29
C GLU B 233 -6.54 27.71 -9.12
N ALA B 234 -5.34 28.30 -9.20
CA ALA B 234 -4.20 27.64 -9.84
C ALA B 234 -3.86 26.36 -9.08
N MET B 235 -3.84 26.45 -7.74
CA MET B 235 -3.63 25.29 -6.88
C MET B 235 -4.73 24.22 -7.07
N HIS B 236 -5.97 24.66 -7.26
CA HIS B 236 -7.08 23.76 -7.55
C HIS B 236 -6.85 22.99 -8.84
N GLY B 237 -6.22 23.66 -9.81
CA GLY B 237 -5.83 23.05 -11.07
C GLY B 237 -4.72 22.03 -10.86
N ILE B 238 -3.78 22.33 -9.97
CA ILE B 238 -2.71 21.38 -9.60
C ILE B 238 -3.36 20.09 -9.09
N LYS B 239 -4.30 20.21 -8.14
CA LYS B 239 -5.01 19.07 -7.57
C LYS B 239 -5.76 18.26 -8.63
N ARG B 240 -6.56 18.95 -9.43
CA ARG B 240 -7.37 18.31 -10.48
CA ARG B 240 -7.37 18.29 -10.46
C ARG B 240 -6.52 17.47 -11.43
N GLU B 241 -5.40 18.03 -11.88
CA GLU B 241 -4.55 17.36 -12.86
C GLU B 241 -3.78 16.18 -12.29
N ALA B 242 -3.46 16.21 -10.99
CA ALA B 242 -2.86 15.03 -10.31
C ALA B 242 -3.77 13.81 -10.40
N LEU B 243 -5.07 14.01 -10.18
CA LEU B 243 -6.04 12.90 -10.31
C LEU B 243 -6.15 12.45 -11.77
N VAL B 244 -6.21 13.42 -12.68
CA VAL B 244 -6.25 13.12 -14.11
C VAL B 244 -5.03 12.28 -14.52
N MET B 245 -3.85 12.69 -14.05
CA MET B 245 -2.60 11.96 -14.35
C MET B 245 -2.58 10.56 -13.76
N LYS B 246 -3.07 10.42 -12.53
CA LYS B 246 -3.16 9.09 -11.93
C LYS B 246 -4.06 8.17 -12.79
N GLU B 247 -5.21 8.69 -13.21
CA GLU B 247 -6.13 7.91 -14.02
CA GLU B 247 -6.16 7.95 -14.05
C GLU B 247 -5.51 7.57 -15.38
N ALA B 248 -4.76 8.50 -15.98
CA ALA B 248 -4.10 8.24 -17.29
C ALA B 248 -3.12 7.09 -17.20
N LEU B 249 -2.37 7.03 -16.09
CA LEU B 249 -1.40 5.97 -15.84
C LEU B 249 -2.05 4.61 -15.63
N LEU B 250 -3.14 4.59 -14.86
CA LEU B 250 -3.89 3.35 -14.68
C LEU B 250 -4.48 2.83 -16.00
N LYS B 251 -4.77 3.74 -16.93
CA LYS B 251 -5.40 3.36 -18.20
C LYS B 251 -4.41 3.18 -19.36
N GLY B 252 -3.13 3.45 -19.09
CA GLY B 252 -2.12 3.51 -20.14
C GLY B 252 -2.46 4.52 -21.23
N ASP B 253 -3.13 5.60 -20.85
CA ASP B 253 -3.50 6.70 -21.77
C ASP B 253 -2.44 7.81 -21.79
N PHE B 254 -1.43 7.67 -22.64
CA PHE B 254 -0.32 8.66 -22.67
C PHE B 254 -0.71 10.02 -23.25
N LYS B 255 -1.73 10.07 -24.10
CA LYS B 255 -2.26 11.34 -24.59
CA LYS B 255 -2.27 11.34 -24.59
C LYS B 255 -2.83 12.16 -23.42
N ALA B 256 -3.58 11.51 -22.54
CA ALA B 256 -4.13 12.24 -21.39
C ALA B 256 -3.03 12.56 -20.36
N PHE B 257 -2.02 11.69 -20.28
CA PHE B 257 -0.87 11.91 -19.39
C PHE B 257 -0.15 13.23 -19.74
N VAL B 258 0.29 13.37 -20.99
N VAL B 258 0.26 13.36 -20.99
CA VAL B 258 1.03 14.59 -21.37
CA VAL B 258 0.98 14.53 -21.48
C VAL B 258 0.16 15.86 -21.26
C VAL B 258 0.17 15.82 -21.34
N ALA B 259 -1.12 15.75 -21.63
CA ALA B 259 -2.05 16.88 -21.51
C ALA B 259 -2.16 17.35 -20.06
N SER B 260 -2.23 16.40 -19.14
CA SER B 260 -2.34 16.74 -17.72
CA SER B 260 -2.32 16.71 -17.71
C SER B 260 -1.02 17.30 -17.16
N MET B 261 0.12 16.85 -17.68
CA MET B 261 1.42 17.40 -17.28
C MET B 261 1.54 18.87 -17.73
N ARG B 262 1.09 19.15 -18.95
CA ARG B 262 1.15 20.52 -19.50
C ARG B 262 0.25 21.45 -18.71
N LEU B 263 -1.00 21.03 -18.47
N LEU B 263 -1.00 21.03 -18.47
CA LEU B 263 -1.92 21.85 -17.71
CA LEU B 263 -1.95 21.83 -17.72
C LEU B 263 -1.44 22.00 -16.27
C LEU B 263 -1.53 21.96 -16.25
N GLY B 264 -0.85 20.92 -15.74
CA GLY B 264 -0.28 20.93 -14.39
C GLY B 264 0.89 21.88 -14.26
N TRP B 265 1.79 21.87 -15.25
CA TRP B 265 2.96 22.76 -15.25
C TRP B 265 2.55 24.25 -15.26
N ASP B 266 1.59 24.59 -16.12
CA ASP B 266 0.99 25.93 -16.10
C ASP B 266 0.46 26.31 -14.74
N ASN B 267 -0.31 25.41 -14.14
CA ASN B 267 -0.92 25.66 -12.83
C ASN B 267 0.13 25.83 -11.74
N LYS B 268 1.20 25.05 -11.81
CA LYS B 268 2.28 25.10 -10.82
C LYS B 268 2.98 26.48 -10.89
N LYS B 269 3.37 26.88 -12.10
CA LYS B 269 3.98 28.18 -12.36
C LYS B 269 3.12 29.33 -11.84
N ASN B 270 1.81 29.19 -11.96
CA ASN B 270 0.86 30.25 -11.54
C ASN B 270 0.56 30.25 -10.04
N SER B 271 1.00 29.21 -9.32
CA SER B 271 0.68 29.10 -7.89
C SER B 271 1.69 29.88 -7.05
N ALA B 272 2.87 30.11 -7.61
CA ALA B 272 3.96 30.80 -6.90
C ALA B 272 4.95 31.38 -7.91
N ARG B 273 5.37 32.62 -7.63
CA ARG B 273 6.21 33.43 -8.52
CA ARG B 273 6.16 33.39 -8.59
C ARG B 273 7.51 32.75 -8.96
N THR B 274 8.22 32.15 -8.02
CA THR B 274 9.55 31.60 -8.38
C THR B 274 9.64 30.11 -8.75
N VAL B 275 8.49 29.45 -8.95
CA VAL B 275 8.46 28.07 -9.48
C VAL B 275 9.28 27.98 -10.76
N SER B 276 9.05 28.92 -11.68
CA SER B 276 9.90 28.98 -12.88
C SER B 276 10.55 30.34 -13.03
N ASN B 277 11.45 30.46 -14.00
CA ASN B 277 12.16 31.68 -14.31
C ASN B 277 12.58 31.67 -15.78
N ALA B 278 13.19 32.76 -16.25
CA ALA B 278 13.52 32.90 -17.67
C ALA B 278 14.51 31.83 -18.12
N HIS B 279 15.42 31.45 -17.22
CA HIS B 279 16.38 30.36 -17.46
C HIS B 279 15.69 28.99 -17.64
N ILE B 280 14.83 28.62 -16.68
CA ILE B 280 14.09 27.35 -16.74
CA ILE B 280 14.08 27.36 -16.73
C ILE B 280 13.17 27.33 -17.96
N ASP B 281 12.48 28.46 -18.19
CA ASP B 281 11.62 28.61 -19.37
C ASP B 281 12.37 28.48 -20.70
N GLU B 282 13.62 28.94 -20.74
CA GLU B 282 14.42 28.80 -21.93
C GLU B 282 14.72 27.32 -22.19
N ILE B 283 15.16 26.60 -21.15
CA ILE B 283 15.38 25.14 -21.29
C ILE B 283 14.08 24.43 -21.70
N TYR B 284 12.97 24.79 -21.06
CA TYR B 284 11.69 24.20 -21.38
C TYR B 284 11.32 24.41 -22.85
N ASP B 285 11.50 25.65 -23.30
CA ASP B 285 11.15 26.04 -24.66
C ASP B 285 11.97 25.29 -25.67
N ALA B 286 13.26 25.18 -25.40
CA ALA B 286 14.16 24.42 -26.26
C ALA B 286 13.77 22.95 -26.33
N ALA B 287 13.34 22.38 -25.21
CA ALA B 287 12.92 20.98 -25.18
C ALA B 287 11.70 20.75 -26.07
N ILE B 288 10.69 21.61 -25.93
CA ILE B 288 9.47 21.47 -26.75
C ILE B 288 9.82 21.58 -28.24
N ARG B 289 10.71 22.50 -28.61
CA ARG B 289 11.06 22.63 -30.02
CA ARG B 289 11.11 22.65 -30.01
C ARG B 289 11.85 21.44 -30.53
N ALA B 290 12.59 20.75 -29.64
CA ALA B 290 13.28 19.52 -30.02
C ALA B 290 12.33 18.33 -30.18
N GLY B 291 11.11 18.45 -29.66
CA GLY B 291 10.13 17.35 -29.78
C GLY B 291 9.43 16.88 -28.51
N ALA B 292 9.90 17.32 -27.34
CA ALA B 292 9.20 17.01 -26.08
C ALA B 292 7.78 17.49 -26.18
N GLN B 293 6.86 16.75 -25.57
CA GLN B 293 5.44 17.10 -25.60
C GLN B 293 5.00 17.78 -24.32
N ALA B 294 5.79 17.61 -23.24
CA ALA B 294 5.47 18.17 -21.93
C ALA B 294 6.69 18.09 -21.03
N GLY B 295 6.61 18.80 -19.91
CA GLY B 295 7.74 18.89 -18.99
C GLY B 295 7.37 19.63 -17.71
N LYS B 296 8.19 19.45 -16.69
CA LYS B 296 7.95 20.13 -15.42
C LYS B 296 9.22 20.12 -14.61
N VAL B 297 9.30 20.98 -13.62
CA VAL B 297 10.35 20.88 -12.62
CA VAL B 297 10.36 20.86 -12.64
C VAL B 297 9.86 19.84 -11.64
N SER B 298 10.73 18.91 -11.25
CA SER B 298 10.32 17.82 -10.35
C SER B 298 9.91 18.25 -8.95
N GLY B 299 10.67 19.13 -8.33
CA GLY B 299 10.38 19.47 -6.93
C GLY B 299 9.46 20.66 -6.73
N ALA B 300 9.71 21.42 -5.67
CA ALA B 300 8.96 22.64 -5.37
C ALA B 300 8.99 23.60 -6.55
N GLY B 301 10.15 23.70 -7.21
CA GLY B 301 10.36 24.64 -8.31
C GLY B 301 11.66 25.40 -8.11
N GLY B 302 12.00 26.23 -9.09
CA GLY B 302 13.15 27.13 -8.98
C GLY B 302 14.47 26.62 -9.48
N GLY B 303 14.53 25.34 -9.79
CA GLY B 303 15.76 24.69 -10.23
C GLY B 303 15.66 23.19 -9.92
N GLY B 304 16.79 22.51 -9.89
CA GLY B 304 16.78 21.09 -9.61
C GLY B 304 16.46 20.34 -10.88
N PHE B 305 16.02 19.10 -10.72
CA PHE B 305 15.68 18.24 -11.83
C PHE B 305 14.42 18.68 -12.59
N MET B 306 14.54 18.71 -13.92
CA MET B 306 13.39 18.80 -14.79
C MET B 306 13.16 17.45 -15.45
N LEU B 307 11.90 17.12 -15.70
CA LEU B 307 11.61 15.90 -16.46
C LEU B 307 10.82 16.25 -17.70
N PHE B 308 11.15 15.58 -18.79
CA PHE B 308 10.49 15.81 -20.07
C PHE B 308 9.87 14.54 -20.65
N PHE B 309 8.64 14.64 -21.13
CA PHE B 309 8.04 13.56 -21.90
C PHE B 309 8.29 13.80 -23.37
N VAL B 310 8.95 12.84 -24.03
CA VAL B 310 9.25 12.96 -25.46
C VAL B 310 8.89 11.65 -26.16
N PRO B 311 8.23 11.71 -27.33
CA PRO B 311 8.00 10.48 -28.09
C PRO B 311 9.32 9.82 -28.45
N THR B 312 9.31 8.50 -28.59
CA THR B 312 10.58 7.80 -28.74
C THR B 312 11.30 8.18 -30.03
N GLU B 313 10.53 8.53 -31.07
CA GLU B 313 11.15 8.93 -32.34
CA GLU B 313 11.05 8.99 -32.36
C GLU B 313 11.88 10.26 -32.25
N LYS B 314 11.65 11.04 -31.18
CA LYS B 314 12.34 12.32 -30.95
CA LYS B 314 12.43 12.27 -30.99
C LYS B 314 13.27 12.31 -29.72
N ARG B 315 13.34 11.17 -29.03
CA ARG B 315 14.12 11.06 -27.79
C ARG B 315 15.60 11.46 -27.92
N MET B 316 16.31 10.91 -28.90
CA MET B 316 17.72 11.28 -29.14
C MET B 316 17.90 12.75 -29.52
N ASP B 317 17.01 13.27 -30.37
CA ASP B 317 16.99 14.71 -30.67
C ASP B 317 16.93 15.56 -29.40
N LEU B 318 16.03 15.20 -28.49
CA LEU B 318 15.91 15.95 -27.26
C LEU B 318 17.19 15.83 -26.42
N ILE B 319 17.74 14.62 -26.30
CA ILE B 319 19.00 14.40 -25.59
C ILE B 319 20.15 15.27 -26.15
N ARG B 320 20.26 15.31 -27.49
CA ARG B 320 21.23 16.17 -28.16
CA ARG B 320 21.23 16.18 -28.17
C ARG B 320 21.02 17.67 -27.84
N THR B 321 19.77 18.11 -27.89
CA THR B 321 19.42 19.50 -27.65
C THR B 321 19.73 19.93 -26.23
N LEU B 322 19.33 19.11 -25.26
CA LEU B 322 19.61 19.42 -23.85
C LEU B 322 21.11 19.48 -23.56
N GLY B 323 21.89 18.67 -24.28
CA GLY B 323 23.35 18.71 -24.24
C GLY B 323 23.95 20.08 -24.48
N GLU B 324 23.23 20.95 -25.20
CA GLU B 324 23.70 22.30 -25.50
CA GLU B 324 23.71 22.30 -25.50
C GLU B 324 23.44 23.29 -24.36
N TYR B 325 22.73 22.85 -23.32
CA TYR B 325 22.41 23.73 -22.20
C TYR B 325 23.17 23.38 -20.94
N ASP B 326 23.10 24.26 -19.94
CA ASP B 326 23.81 24.06 -18.69
C ASP B 326 23.07 23.07 -17.80
N GLY B 327 23.65 21.88 -17.61
CA GLY B 327 23.02 20.86 -16.79
C GLY B 327 23.33 19.46 -17.29
N GLN B 328 22.89 18.44 -16.56
CA GLN B 328 23.23 17.05 -16.87
CA GLN B 328 23.22 17.06 -16.89
C GLN B 328 21.97 16.28 -17.28
N VAL B 329 22.06 15.64 -18.45
CA VAL B 329 20.98 14.81 -18.98
CA VAL B 329 20.98 14.80 -18.97
C VAL B 329 21.08 13.40 -18.40
N SER B 330 19.93 12.79 -18.11
CA SER B 330 19.95 11.39 -17.68
CA SER B 330 19.92 11.41 -17.61
C SER B 330 18.69 10.66 -18.09
N ASN B 331 18.76 9.32 -18.08
CA ASN B 331 17.54 8.54 -18.32
C ASN B 331 16.78 8.52 -17.00
N CYS B 332 15.57 8.00 -17.04
CA CYS B 332 14.75 7.91 -15.86
C CYS B 332 14.44 6.45 -15.61
N HIS B 333 14.89 5.88 -14.49
CA HIS B 333 14.49 4.50 -14.20
C HIS B 333 13.88 4.38 -12.82
N PHE B 334 12.69 3.78 -12.77
CA PHE B 334 11.90 3.75 -11.56
C PHE B 334 12.24 2.53 -10.75
N THR B 335 12.01 2.62 -9.45
CA THR B 335 12.29 1.52 -8.55
CA THR B 335 12.26 1.48 -8.58
C THR B 335 11.00 1.18 -7.80
N LYS B 336 10.82 -0.08 -7.42
CA LYS B 336 9.59 -0.48 -6.73
C LYS B 336 9.75 -0.55 -5.20
N ASN B 337 10.98 -0.74 -4.75
CA ASN B 337 11.25 -1.00 -3.34
C ASN B 337 11.26 0.28 -2.52
N GLY B 338 10.76 0.18 -1.30
CA GLY B 338 10.85 1.29 -0.35
C GLY B 338 12.15 1.21 0.45
N THR B 339 12.16 1.86 1.60
CA THR B 339 13.37 1.91 2.40
C THR B 339 13.76 0.50 2.86
N GLN B 340 15.06 0.19 2.81
CA GLN B 340 15.54 -1.09 3.33
CA GLN B 340 15.61 -1.11 3.19
C GLN B 340 16.82 -0.93 4.12
N ALA B 341 17.09 -1.89 5.00
CA ALA B 341 18.29 -1.84 5.86
C ALA B 341 19.05 -3.15 5.76
N TRP B 342 20.34 -3.13 6.07
CA TRP B 342 21.15 -4.33 6.12
C TRP B 342 22.26 -4.17 7.15
N ARG B 343 22.82 -5.29 7.59
CA ARG B 343 23.87 -5.31 8.61
CA ARG B 343 23.86 -5.31 8.62
C ARG B 343 25.22 -5.65 8.00
N ILE B 344 26.27 -5.02 8.49
CA ILE B 344 27.62 -5.25 7.99
C ILE B 344 28.44 -5.92 9.10
N ALA B 345 28.27 -5.47 10.34
CA ALA B 345 28.83 -6.13 11.52
C ALA B 345 27.77 -6.36 12.60
N ASN B 346 27.76 -7.56 13.16
CA ASN B 346 26.78 -7.98 14.19
C ASN B 346 25.33 -7.62 13.85
#